data_3TD3
#
_entry.id   3TD3
#
_cell.length_a   58.108
_cell.length_b   98.751
_cell.length_c   98.321
_cell.angle_alpha   90.00
_cell.angle_beta   105.84
_cell.angle_gamma   90.00
#
_symmetry.space_group_name_H-M   'P 1 21 1'
#
loop_
_entity.id
_entity.type
_entity.pdbx_description
1 polymer 'Outer membrane protein omp38'
2 non-polymer GLYCINE
3 water water
#
_entity_poly.entity_id   1
_entity_poly.type   'polypeptide(L)'
_entity_poly.pdbx_seq_one_letter_code
;GSHMELTEDLNMELRVFFDTNKSNIKDQYKPEIAKVAEKLSEYPNATARIEGHTDNTGPRKLNERLSLARANSVKSALVN
EYNVDASRLSTQGFAWDQPIADNKTKEGRAMNRRVFATITGSR
;
_entity_poly.pdbx_strand_id   A,B,C,D,E,F,G,H
#
# COMPACT_ATOMS: atom_id res chain seq x y z
N MET A 4 -4.00 -37.09 20.35
CA MET A 4 -2.89 -36.09 20.70
C MET A 4 -3.37 -34.69 20.39
N GLU A 5 -2.97 -33.74 21.21
CA GLU A 5 -3.29 -32.34 21.01
C GLU A 5 -1.92 -31.65 20.94
N LEU A 6 -1.74 -30.88 19.90
CA LEU A 6 -0.41 -30.23 19.73
C LEU A 6 -0.70 -28.76 19.34
N THR A 7 -0.08 -27.80 20.01
CA THR A 7 -0.26 -26.38 19.58
C THR A 7 1.08 -25.76 19.66
N GLU A 8 1.34 -24.89 18.75
CA GLU A 8 2.54 -24.07 18.82
C GLU A 8 2.00 -22.64 18.71
N ASP A 9 2.45 -21.77 19.64
CA ASP A 9 1.89 -20.41 19.65
C ASP A 9 3.02 -19.51 19.26
N LEU A 10 2.74 -18.65 18.28
CA LEU A 10 3.68 -17.62 17.85
C LEU A 10 3.46 -16.28 18.50
N ASN A 11 4.58 -15.62 18.94
CA ASN A 11 4.45 -14.21 19.43
C ASN A 11 5.60 -13.43 18.85
N MET A 12 5.32 -12.42 18.04
CA MET A 12 6.39 -11.73 17.40
C MET A 12 6.07 -10.22 17.53
N GLU A 13 7.13 -9.44 17.71
CA GLU A 13 6.95 -7.96 17.83
C GLU A 13 7.89 -7.36 16.79
N LEU A 14 7.33 -6.50 15.92
CA LEU A 14 8.09 -5.82 14.87
C LEU A 14 8.15 -4.32 15.23
N ARG A 15 9.32 -3.71 15.01
CA ARG A 15 9.44 -2.22 15.24
C ARG A 15 10.03 -1.60 13.98
N VAL A 16 9.34 -0.63 13.38
CA VAL A 16 9.86 -0.02 12.19
C VAL A 16 9.89 1.49 12.54
N PHE A 17 10.90 2.17 12.08
CA PHE A 17 10.97 3.66 12.41
C PHE A 17 11.06 4.47 11.13
N PHE A 18 10.69 5.76 11.23
CA PHE A 18 10.47 6.53 10.05
C PHE A 18 11.22 7.85 10.12
N ASP A 19 11.52 8.35 8.91
CA ASP A 19 11.98 9.75 8.90
C ASP A 19 10.86 10.75 9.04
N THR A 20 11.21 12.00 9.36
CA THR A 20 10.21 12.98 9.61
C THR A 20 9.38 13.23 8.42
N ASN A 21 8.07 13.27 8.64
CA ASN A 21 7.07 13.47 7.59
C ASN A 21 7.00 12.39 6.51
N LYS A 22 7.63 11.23 6.78
CA LYS A 22 7.72 10.18 5.79
C LYS A 22 7.01 8.89 6.30
N SER A 23 6.51 8.11 5.35
CA SER A 23 5.92 6.84 5.70
C SER A 23 6.45 5.70 4.85
N ASN A 24 7.57 5.94 4.18
CA ASN A 24 8.23 4.82 3.49
C ASN A 24 8.98 3.89 4.45
N ILE A 25 9.10 2.64 4.06
CA ILE A 25 9.88 1.68 4.73
C ILE A 25 11.32 1.78 4.28
N LYS A 26 12.18 2.15 5.21
CA LYS A 26 13.64 2.24 4.97
C LYS A 26 14.21 0.86 4.78
N ASP A 27 15.18 0.72 3.85
CA ASP A 27 15.67 -0.60 3.48
C ASP A 27 16.16 -1.41 4.67
N GLN A 28 16.64 -0.72 5.68
CA GLN A 28 17.03 -1.18 7.02
C GLN A 28 16.00 -2.21 7.58
N TYR A 29 14.73 -1.98 7.28
CA TYR A 29 13.64 -2.70 8.01
C TYR A 29 13.18 -3.89 7.23
N LYS A 30 13.62 -3.97 5.98
CA LYS A 30 13.14 -4.98 5.03
C LYS A 30 13.42 -6.42 5.47
N PRO A 31 14.63 -6.74 5.95
CA PRO A 31 14.85 -8.08 6.53
C PRO A 31 13.83 -8.46 7.66
N GLU A 32 13.49 -7.52 8.52
CA GLU A 32 12.57 -7.78 9.63
C GLU A 32 11.14 -7.99 9.11
N ILE A 33 10.75 -7.17 8.16
CA ILE A 33 9.48 -7.35 7.53
C ILE A 33 9.42 -8.73 6.79
N ALA A 34 10.52 -9.12 6.12
CA ALA A 34 10.60 -10.45 5.44
C ALA A 34 10.42 -11.59 6.46
N LYS A 35 11.00 -11.41 7.62
CA LYS A 35 10.89 -12.43 8.69
C LYS A 35 9.43 -12.55 9.18
N VAL A 36 8.75 -11.42 9.30
CA VAL A 36 7.35 -11.47 9.68
C VAL A 36 6.56 -12.19 8.68
N ALA A 37 6.78 -11.87 7.41
CA ALA A 37 6.04 -12.59 6.40
C ALA A 37 6.31 -14.09 6.38
N GLU A 38 7.57 -14.45 6.64
CA GLU A 38 7.92 -15.87 6.78
C GLU A 38 7.07 -16.54 7.90
N LYS A 39 6.97 -15.92 9.07
CA LYS A 39 6.17 -16.52 10.13
C LYS A 39 4.68 -16.50 9.86
N LEU A 40 4.16 -15.47 9.16
CA LEU A 40 2.84 -15.47 8.76
C LEU A 40 2.40 -16.61 7.78
N SER A 41 3.39 -17.05 7.00
CA SER A 41 3.25 -18.21 6.17
C SER A 41 3.37 -19.52 7.00
N GLU A 42 4.25 -19.54 8.01
CA GLU A 42 4.52 -20.78 8.87
C GLU A 42 3.33 -20.95 9.84
N TYR A 43 2.62 -19.85 10.09
CA TYR A 43 1.43 -19.87 10.98
C TYR A 43 0.29 -19.19 10.20
N PRO A 44 -0.38 -19.92 9.34
CA PRO A 44 -1.34 -19.29 8.38
C PRO A 44 -2.51 -18.73 9.11
N ASN A 45 -2.76 -19.10 10.38
CA ASN A 45 -3.88 -18.56 11.14
C ASN A 45 -3.51 -17.27 11.93
N ALA A 46 -2.24 -16.93 11.93
CA ALA A 46 -1.73 -15.79 12.80
C ALA A 46 -2.29 -14.49 12.16
N THR A 47 -2.42 -13.48 13.02
CA THR A 47 -2.89 -12.14 12.50
C THR A 47 -1.87 -11.12 13.05
N ALA A 48 -1.94 -9.90 12.54
CA ALA A 48 -1.00 -8.89 13.02
C ALA A 48 -1.79 -7.62 13.34
N ARG A 49 -1.41 -7.03 14.46
CA ARG A 49 -1.99 -5.73 14.90
C ARG A 49 -0.93 -4.71 14.66
N ILE A 50 -1.16 -3.81 13.71
CA ILE A 50 -0.10 -2.91 13.21
C ILE A 50 -0.55 -1.49 13.64
N GLU A 51 0.31 -0.81 14.37
CA GLU A 51 -0.06 0.52 14.97
C GLU A 51 1.03 1.51 14.68
N GLY A 52 0.61 2.66 14.09
CA GLY A 52 1.55 3.70 13.68
C GLY A 52 1.37 4.99 14.52
N HIS A 53 2.46 5.72 14.49
CA HIS A 53 2.66 6.85 15.46
C HIS A 53 3.51 7.91 14.87
N THR A 54 3.39 9.08 15.47
CA THR A 54 4.22 10.19 15.04
C THR A 54 4.88 10.84 16.24
N ASP A 55 5.88 11.65 16.00
CA ASP A 55 6.32 12.60 17.07
C ASP A 55 5.31 13.77 17.12
N ASN A 56 5.50 14.71 18.05
CA ASN A 56 4.43 15.72 18.30
C ASN A 56 4.66 17.01 17.54
N THR A 57 5.54 17.01 16.53
CA THR A 57 5.72 18.20 15.70
C THR A 57 4.71 18.29 14.54
N GLY A 58 4.28 19.53 14.22
CA GLY A 58 3.45 19.61 13.05
C GLY A 58 1.96 19.61 13.32
N PRO A 59 1.16 19.94 12.27
CA PRO A 59 -0.29 20.05 12.49
C PRO A 59 -0.89 18.70 12.89
N ARG A 60 -1.92 18.79 13.71
CA ARG A 60 -2.48 17.53 14.28
C ARG A 60 -3.01 16.65 13.15
N LYS A 61 -3.72 17.19 12.14
CA LYS A 61 -4.24 16.24 11.10
C LYS A 61 -3.18 15.63 10.21
N LEU A 62 -2.07 16.34 10.04
CA LEU A 62 -0.96 15.83 9.30
C LEU A 62 -0.49 14.50 10.02
N ASN A 63 -0.48 14.61 11.35
CA ASN A 63 0.01 13.47 12.19
C ASN A 63 -1.00 12.38 12.31
N GLU A 64 -2.25 12.72 12.33
CA GLU A 64 -3.25 11.63 12.28
C GLU A 64 -3.08 10.82 10.96
N ARG A 65 -3.06 11.50 9.80
CA ARG A 65 -2.89 10.85 8.52
C ARG A 65 -1.58 10.06 8.50
N LEU A 66 -0.46 10.67 8.95
CA LEU A 66 0.87 10.12 8.72
C LEU A 66 0.95 8.84 9.61
N SER A 67 0.40 8.92 10.82
CA SER A 67 0.48 7.73 11.67
C SER A 67 -0.24 6.57 11.02
N LEU A 68 -1.45 6.77 10.51
CA LEU A 68 -2.19 5.67 9.77
C LEU A 68 -1.44 5.32 8.49
N ALA A 69 -0.83 6.28 7.77
CA ALA A 69 -0.03 5.94 6.62
C ALA A 69 1.17 5.05 6.91
N ARG A 70 1.84 5.32 8.08
CA ARG A 70 2.89 4.45 8.46
C ARG A 70 2.43 3.00 8.66
N ALA A 71 1.39 2.86 9.44
CA ALA A 71 0.81 1.47 9.70
C ALA A 71 0.44 0.85 8.32
N ASN A 72 -0.17 1.68 7.45
CA ASN A 72 -0.53 1.10 6.15
C ASN A 72 0.64 0.75 5.24
N SER A 73 1.80 1.44 5.36
CA SER A 73 2.92 1.14 4.59
C SER A 73 3.47 -0.20 5.01
N VAL A 74 3.50 -0.50 6.33
CA VAL A 74 3.91 -1.83 6.74
C VAL A 74 2.95 -2.90 6.22
N LYS A 75 1.67 -2.67 6.33
CA LYS A 75 0.66 -3.64 5.83
C LYS A 75 0.90 -3.81 4.35
N SER A 76 1.05 -2.69 3.63
CA SER A 76 1.21 -2.81 2.15
C SER A 76 2.45 -3.60 1.77
N ALA A 77 3.56 -3.52 2.51
CA ALA A 77 4.78 -4.28 2.23
C ALA A 77 4.41 -5.78 2.36
N LEU A 78 3.67 -6.12 3.44
CA LEU A 78 3.25 -7.54 3.65
C LEU A 78 2.29 -8.06 2.59
N VAL A 79 1.31 -7.26 2.24
CA VAL A 79 0.25 -7.63 1.26
C VAL A 79 0.86 -7.76 -0.13
N ASN A 80 1.64 -6.74 -0.49
CA ASN A 80 2.12 -6.55 -1.92
C ASN A 80 3.40 -7.23 -2.30
N GLU A 81 4.42 -7.25 -1.44
CA GLU A 81 5.66 -7.88 -1.70
C GLU A 81 5.62 -9.33 -1.27
N TYR A 82 4.89 -9.63 -0.20
CA TYR A 82 4.94 -10.98 0.34
C TYR A 82 3.61 -11.68 0.23
N ASN A 83 2.64 -11.10 -0.45
CA ASN A 83 1.33 -11.82 -0.69
C ASN A 83 0.58 -12.38 0.51
N VAL A 84 0.72 -11.65 1.60
CA VAL A 84 -0.04 -11.96 2.77
C VAL A 84 -1.44 -11.45 2.62
N ASP A 85 -2.44 -12.25 2.92
CA ASP A 85 -3.84 -11.81 2.86
C ASP A 85 -4.09 -10.57 3.72
N ALA A 86 -4.58 -9.50 3.07
CA ALA A 86 -4.75 -8.25 3.73
C ALA A 86 -5.68 -8.32 4.96
N SER A 87 -6.70 -9.22 4.97
CA SER A 87 -7.67 -9.34 6.04
C SER A 87 -7.02 -9.88 7.30
N ARG A 88 -5.78 -10.36 7.20
CA ARG A 88 -5.14 -10.89 8.43
C ARG A 88 -4.49 -9.76 9.22
N LEU A 89 -4.47 -8.53 8.67
CA LEU A 89 -3.58 -7.49 9.20
C LEU A 89 -4.50 -6.26 9.55
N SER A 90 -4.47 -5.78 10.77
CA SER A 90 -5.24 -4.55 11.12
C SER A 90 -4.23 -3.39 11.23
N THR A 91 -4.74 -2.20 10.88
CA THR A 91 -3.89 -0.99 10.94
C THR A 91 -4.69 0.08 11.64
N GLN A 92 -3.90 0.87 12.40
CA GLN A 92 -4.52 1.98 13.13
C GLN A 92 -3.42 2.99 13.41
N GLY A 93 -3.77 4.29 13.30
CA GLY A 93 -2.80 5.32 13.65
C GLY A 93 -3.21 6.05 14.94
N PHE A 94 -2.22 6.53 15.73
CA PHE A 94 -2.46 7.14 17.03
C PHE A 94 -1.86 8.56 17.10
N ALA A 95 -1.51 9.10 15.94
CA ALA A 95 -0.90 10.44 15.89
C ALA A 95 0.19 10.52 16.94
N TRP A 96 0.25 11.59 17.75
CA TRP A 96 1.39 11.67 18.73
C TRP A 96 0.88 11.28 20.12
N ASP A 97 -0.22 10.56 20.22
CA ASP A 97 -0.86 10.32 21.50
C ASP A 97 -0.20 9.26 22.39
N GLN A 98 0.72 8.43 21.82
CA GLN A 98 1.29 7.33 22.59
C GLN A 98 2.80 7.39 22.44
N PRO A 99 3.45 8.43 22.99
CA PRO A 99 4.89 8.48 22.85
C PRO A 99 5.57 7.37 23.66
N ILE A 100 6.70 6.95 23.13
CA ILE A 100 7.64 6.01 23.84
C ILE A 100 8.90 6.75 24.22
N ALA A 101 9.02 8.01 23.85
CA ALA A 101 10.28 8.73 24.19
C ALA A 101 10.03 10.23 24.23
N ASP A 102 11.06 10.97 24.63
CA ASP A 102 10.96 12.38 24.85
C ASP A 102 10.88 13.16 23.59
N ASN A 103 9.72 13.84 23.34
CA ASN A 103 9.67 14.65 22.12
C ASN A 103 10.52 15.93 22.12
N LYS A 104 11.17 16.20 23.26
CA LYS A 104 12.07 17.38 23.30
C LYS A 104 13.44 17.19 22.68
N THR A 105 13.78 15.94 22.31
CA THR A 105 15.05 15.71 21.65
C THR A 105 14.86 15.09 20.29
N LYS A 106 15.83 15.25 19.45
CA LYS A 106 15.83 14.67 18.11
C LYS A 106 15.73 13.10 18.26
N GLU A 107 16.51 12.55 19.19
CA GLU A 107 16.55 11.09 19.36
C GLU A 107 15.17 10.60 19.85
N GLY A 108 14.55 11.29 20.83
CA GLY A 108 13.23 10.82 21.28
C GLY A 108 12.20 10.95 20.16
N ARG A 109 12.22 12.09 19.45
CA ARG A 109 11.25 12.21 18.32
C ARG A 109 11.42 11.07 17.29
N ALA A 110 12.65 10.67 17.03
CA ALA A 110 12.94 9.61 16.07
C ALA A 110 12.36 8.28 16.63
N MET A 111 12.41 8.09 17.93
CA MET A 111 11.77 6.88 18.51
C MET A 111 10.30 6.87 18.38
N ASN A 112 9.67 8.07 18.46
CA ASN A 112 8.23 8.13 18.38
C ASN A 112 7.68 8.01 16.97
N ARG A 113 8.49 8.26 15.96
CA ARG A 113 8.07 8.07 14.55
C ARG A 113 8.20 6.56 14.18
N ARG A 114 7.15 5.84 14.47
CA ARG A 114 7.30 4.37 14.48
C ARG A 114 6.01 3.71 14.07
N VAL A 115 6.20 2.41 13.77
CA VAL A 115 5.11 1.43 13.72
C VAL A 115 5.54 0.28 14.57
N PHE A 116 4.65 -0.13 15.48
CA PHE A 116 4.91 -1.36 16.30
C PHE A 116 3.84 -2.32 15.85
N ALA A 117 4.23 -3.56 15.54
CA ALA A 117 3.21 -4.54 15.20
C ALA A 117 3.42 -5.79 16.04
N THR A 118 2.29 -6.36 16.44
CA THR A 118 2.33 -7.61 17.31
C THR A 118 1.68 -8.65 16.44
N ILE A 119 2.35 -9.79 16.28
CA ILE A 119 1.83 -10.80 15.42
C ILE A 119 1.67 -12.01 16.33
N THR A 120 0.46 -12.56 16.39
CA THR A 120 0.14 -13.68 17.30
C THR A 120 -0.68 -14.73 16.54
N GLY A 121 -0.51 -15.98 16.92
CA GLY A 121 -1.54 -16.97 16.53
C GLY A 121 -0.94 -18.35 16.79
N SER A 122 -1.70 -19.38 16.46
CA SER A 122 -1.26 -20.77 16.78
C SER A 122 -1.35 -21.58 15.55
N ARG A 123 -0.58 -22.69 15.57
CA ARG A 123 -0.74 -23.75 14.55
C ARG A 123 -0.66 -25.10 15.22
N MET B 4 11.34 30.22 -7.89
CA MET B 4 11.51 28.85 -8.52
C MET B 4 10.90 28.88 -9.89
N GLU B 5 11.59 28.35 -10.90
CA GLU B 5 10.93 28.06 -12.18
C GLU B 5 10.89 26.58 -12.41
N LEU B 6 9.74 26.07 -12.86
CA LEU B 6 9.60 24.62 -13.04
C LEU B 6 8.78 24.44 -14.31
N THR B 7 9.37 23.69 -15.24
CA THR B 7 8.65 23.29 -16.50
C THR B 7 8.77 21.79 -16.68
N GLU B 8 7.66 21.14 -17.10
CA GLU B 8 7.83 19.75 -17.60
C GLU B 8 7.24 19.74 -18.99
N ASP B 9 7.98 19.16 -19.96
CA ASP B 9 7.53 19.21 -21.39
C ASP B 9 7.21 17.78 -21.79
N LEU B 10 5.95 17.58 -22.26
CA LEU B 10 5.44 16.25 -22.69
C LEU B 10 5.63 16.17 -24.23
N ASN B 11 6.18 15.02 -24.65
CA ASN B 11 6.19 14.73 -26.11
C ASN B 11 5.67 13.31 -26.21
N MET B 12 4.59 13.11 -26.95
CA MET B 12 4.17 11.72 -27.20
C MET B 12 3.89 11.52 -28.65
N GLU B 13 4.11 10.28 -29.12
CA GLU B 13 3.66 9.91 -30.44
C GLU B 13 2.88 8.62 -30.36
N LEU B 14 1.64 8.66 -30.81
CA LEU B 14 0.80 7.47 -30.92
C LEU B 14 0.69 7.10 -32.40
N ARG B 15 0.84 5.81 -32.64
CA ARG B 15 0.75 5.33 -34.06
C ARG B 15 -0.38 4.29 -34.11
N VAL B 16 -1.35 4.47 -34.98
CA VAL B 16 -2.45 3.45 -35.09
C VAL B 16 -2.47 3.01 -36.52
N PHE B 17 -2.69 1.69 -36.74
CA PHE B 17 -2.59 1.20 -38.12
C PHE B 17 -3.95 0.58 -38.45
N PHE B 18 -4.21 0.55 -39.75
CA PHE B 18 -5.55 0.23 -40.27
C PHE B 18 -5.54 -0.84 -41.32
N ASP B 19 -6.62 -1.61 -41.35
CA ASP B 19 -6.79 -2.49 -42.51
C ASP B 19 -7.19 -1.72 -43.78
N THR B 20 -7.00 -2.33 -44.97
CA THR B 20 -7.25 -1.71 -46.25
C THR B 20 -8.68 -1.23 -46.34
N ASN B 21 -8.83 0.03 -46.71
CA ASN B 21 -10.10 0.77 -46.78
C ASN B 21 -10.91 0.87 -45.51
N LYS B 22 -10.30 0.58 -44.38
CA LYS B 22 -11.02 0.69 -43.12
C LYS B 22 -10.50 1.89 -42.27
N SER B 23 -11.41 2.52 -41.53
CA SER B 23 -11.03 3.63 -40.62
C SER B 23 -11.33 3.39 -39.14
N ASN B 24 -11.73 2.19 -38.77
CA ASN B 24 -12.03 1.88 -37.42
C ASN B 24 -10.78 1.59 -36.65
N ILE B 25 -10.83 1.98 -35.39
CA ILE B 25 -9.69 1.71 -34.46
C ILE B 25 -9.84 0.30 -33.85
N LYS B 26 -8.83 -0.52 -34.09
CA LYS B 26 -8.82 -1.87 -33.51
C LYS B 26 -8.72 -1.77 -32.00
N ASP B 27 -9.43 -2.66 -31.29
CA ASP B 27 -9.32 -2.62 -29.84
C ASP B 27 -7.90 -2.74 -29.28
N GLN B 28 -6.98 -3.33 -30.04
CA GLN B 28 -5.62 -3.48 -29.58
C GLN B 28 -4.90 -2.11 -29.27
N TYR B 29 -5.45 -1.04 -29.84
CA TYR B 29 -4.85 0.33 -29.64
C TYR B 29 -5.49 1.03 -28.52
N LYS B 30 -6.51 0.47 -27.90
CA LYS B 30 -7.22 1.22 -26.82
C LYS B 30 -6.30 1.53 -25.63
N PRO B 31 -5.44 0.59 -25.19
CA PRO B 31 -4.56 1.04 -24.04
C PRO B 31 -3.64 2.25 -24.38
N GLU B 32 -3.08 2.27 -25.60
CA GLU B 32 -2.23 3.43 -25.98
C GLU B 32 -3.01 4.70 -26.01
N ILE B 33 -4.22 4.63 -26.55
CA ILE B 33 -5.14 5.77 -26.61
C ILE B 33 -5.46 6.24 -25.20
N ALA B 34 -5.76 5.28 -24.33
CA ALA B 34 -6.02 5.70 -22.96
C ALA B 34 -4.84 6.35 -22.27
N LYS B 35 -3.62 5.92 -22.59
CA LYS B 35 -2.40 6.54 -22.00
C LYS B 35 -2.27 7.93 -22.56
N VAL B 36 -2.58 8.14 -23.87
CA VAL B 36 -2.63 9.52 -24.37
C VAL B 36 -3.62 10.36 -23.60
N ALA B 37 -4.86 9.88 -23.44
CA ALA B 37 -5.84 10.60 -22.63
C ALA B 37 -5.38 10.90 -21.23
N GLU B 38 -4.75 9.93 -20.60
CA GLU B 38 -4.22 10.21 -19.23
C GLU B 38 -3.24 11.41 -19.26
N LYS B 39 -2.31 11.40 -20.21
CA LYS B 39 -1.30 12.50 -20.24
C LYS B 39 -1.97 13.80 -20.64
N LEU B 40 -3.03 13.78 -21.45
CA LEU B 40 -3.72 15.01 -21.82
C LEU B 40 -4.45 15.58 -20.60
N SER B 41 -4.75 14.72 -19.62
CA SER B 41 -5.37 15.19 -18.36
C SER B 41 -4.26 15.71 -17.46
N GLU B 42 -3.11 15.04 -17.42
CA GLU B 42 -1.94 15.45 -16.66
C GLU B 42 -1.29 16.75 -17.10
N TYR B 43 -1.34 17.00 -18.40
CA TYR B 43 -0.82 18.23 -19.01
C TYR B 43 -2.02 18.90 -19.67
N PRO B 44 -2.88 19.62 -18.96
CA PRO B 44 -4.13 20.07 -19.50
C PRO B 44 -4.05 21.10 -20.61
N ASN B 45 -2.87 21.70 -20.78
CA ASN B 45 -2.66 22.60 -21.90
C ASN B 45 -2.11 21.93 -23.11
N ALA B 46 -1.84 20.62 -22.99
CA ALA B 46 -1.27 19.96 -24.18
C ALA B 46 -2.29 19.85 -25.29
N THR B 47 -1.75 19.74 -26.53
CA THR B 47 -2.59 19.58 -27.74
C THR B 47 -2.09 18.41 -28.57
N ALA B 48 -2.93 17.91 -29.47
CA ALA B 48 -2.49 16.84 -30.39
C ALA B 48 -2.74 17.18 -31.80
N ARG B 49 -1.74 16.83 -32.58
CA ARG B 49 -1.81 16.99 -34.05
C ARG B 49 -2.00 15.57 -34.57
N ILE B 50 -3.20 15.28 -35.05
CA ILE B 50 -3.50 13.86 -35.44
C ILE B 50 -3.55 13.88 -36.99
N GLU B 51 -2.72 13.01 -37.58
CA GLU B 51 -2.54 13.01 -39.14
C GLU B 51 -2.80 11.65 -39.62
N GLY B 52 -3.75 11.54 -40.56
CA GLY B 52 -4.16 10.25 -41.12
C GLY B 52 -3.61 10.03 -42.56
N HIS B 53 -3.42 8.77 -42.92
CA HIS B 53 -2.65 8.45 -44.15
C HIS B 53 -3.24 7.24 -44.76
N THR B 54 -2.98 7.08 -46.08
CA THR B 54 -3.42 5.84 -46.70
C THR B 54 -2.23 5.22 -47.43
N ASP B 55 -2.33 3.91 -47.76
CA ASP B 55 -1.44 3.39 -48.83
C ASP B 55 -1.85 3.98 -50.17
N ASN B 56 -1.05 3.71 -51.21
CA ASN B 56 -1.34 4.44 -52.48
C ASN B 56 -2.26 3.66 -53.42
N THR B 57 -2.91 2.64 -52.96
CA THR B 57 -3.84 1.91 -53.80
C THR B 57 -5.20 2.59 -53.82
N GLY B 58 -5.89 2.53 -54.97
CA GLY B 58 -7.25 3.03 -55.07
C GLY B 58 -7.34 4.45 -55.55
N PRO B 59 -8.56 5.00 -55.61
CA PRO B 59 -8.71 6.32 -56.20
C PRO B 59 -8.34 7.49 -55.32
N ARG B 60 -7.99 8.62 -55.89
CA ARG B 60 -7.38 9.71 -55.10
C ARG B 60 -8.38 10.33 -54.11
N LYS B 61 -9.58 10.70 -54.56
CA LYS B 61 -10.58 11.33 -53.64
C LYS B 61 -11.07 10.44 -52.51
N LEU B 62 -11.25 9.17 -52.76
CA LEU B 62 -11.68 8.23 -51.74
C LEU B 62 -10.57 8.12 -50.65
N ASN B 63 -9.32 8.17 -51.09
CA ASN B 63 -8.14 8.09 -50.16
C ASN B 63 -7.86 9.37 -49.45
N GLU B 64 -8.17 10.49 -50.09
CA GLU B 64 -8.21 11.74 -49.29
C GLU B 64 -9.22 11.65 -48.13
N ARG B 65 -10.40 11.11 -48.46
CA ARG B 65 -11.44 11.02 -47.46
C ARG B 65 -11.06 10.00 -46.40
N LEU B 66 -10.47 8.92 -46.84
CA LEU B 66 -10.16 7.83 -45.95
C LEU B 66 -9.05 8.26 -44.94
N SER B 67 -8.05 9.01 -45.45
CA SER B 67 -7.00 9.40 -44.53
C SER B 67 -7.60 10.34 -43.42
N LEU B 68 -8.46 11.29 -43.77
CA LEU B 68 -9.07 12.16 -42.81
C LEU B 68 -10.00 11.39 -41.90
N ALA B 69 -10.80 10.45 -42.43
CA ALA B 69 -11.64 9.65 -41.55
C ALA B 69 -10.82 8.85 -40.51
N ARG B 70 -9.62 8.34 -40.91
CA ARG B 70 -8.70 7.67 -39.96
C ARG B 70 -8.31 8.61 -38.80
N ALA B 71 -7.88 9.84 -39.18
CA ALA B 71 -7.52 10.83 -38.17
C ALA B 71 -8.72 11.19 -37.26
N ASN B 72 -9.88 11.34 -37.88
CA ASN B 72 -11.08 11.64 -37.15
C ASN B 72 -11.52 10.51 -36.23
N SER B 73 -11.20 9.26 -36.55
CA SER B 73 -11.52 8.17 -35.64
C SER B 73 -10.72 8.24 -34.38
N VAL B 74 -9.45 8.64 -34.47
CA VAL B 74 -8.64 8.78 -33.29
C VAL B 74 -9.15 9.97 -32.43
N LYS B 75 -9.47 11.11 -33.12
CA LYS B 75 -9.98 12.24 -32.38
C LYS B 75 -11.31 11.84 -31.71
N SER B 76 -12.19 11.13 -32.44
CA SER B 76 -13.52 10.80 -31.88
C SER B 76 -13.34 9.88 -30.64
N ALA B 77 -12.39 8.94 -30.66
CA ALA B 77 -12.12 8.10 -29.43
C ALA B 77 -11.72 8.98 -28.25
N LEU B 78 -10.84 9.98 -28.47
CA LEU B 78 -10.39 10.77 -27.33
C LEU B 78 -11.57 11.63 -26.83
N VAL B 79 -12.34 12.20 -27.75
CA VAL B 79 -13.41 13.09 -27.37
C VAL B 79 -14.55 12.35 -26.72
N ASN B 80 -14.92 11.23 -27.32
CA ASN B 80 -16.14 10.48 -26.87
C ASN B 80 -15.88 9.45 -25.79
N GLU B 81 -14.76 8.79 -25.81
CA GLU B 81 -14.46 7.80 -24.80
C GLU B 81 -13.72 8.33 -23.60
N TYR B 82 -13.01 9.44 -23.77
CA TYR B 82 -12.12 9.97 -22.75
C TYR B 82 -12.44 11.41 -22.35
N ASN B 83 -13.50 12.00 -22.98
CA ASN B 83 -14.00 13.35 -22.64
C ASN B 83 -12.91 14.41 -22.87
N VAL B 84 -12.00 14.20 -23.81
CA VAL B 84 -11.01 15.26 -24.08
C VAL B 84 -11.71 16.34 -24.86
N ASP B 85 -11.40 17.62 -24.52
CA ASP B 85 -12.03 18.71 -25.31
C ASP B 85 -11.57 18.67 -26.76
N ALA B 86 -12.56 18.68 -27.64
CA ALA B 86 -12.29 18.51 -29.11
C ALA B 86 -11.36 19.61 -29.62
N SER B 87 -11.46 20.81 -29.02
CA SER B 87 -10.68 21.90 -29.54
C SER B 87 -9.15 21.74 -29.29
N ARG B 88 -8.73 20.76 -28.47
CA ARG B 88 -7.35 20.54 -28.21
C ARG B 88 -6.76 19.65 -29.28
N LEU B 89 -7.58 19.16 -30.25
CA LEU B 89 -7.08 18.08 -31.11
C LEU B 89 -7.34 18.53 -32.58
N SER B 90 -6.32 18.54 -33.39
CA SER B 90 -6.58 18.79 -34.80
C SER B 90 -6.50 17.48 -35.57
N THR B 91 -7.22 17.46 -36.68
CA THR B 91 -7.12 16.28 -37.60
C THR B 91 -6.88 16.73 -39.02
N GLN B 92 -6.05 15.96 -39.70
CA GLN B 92 -5.77 16.21 -41.14
C GLN B 92 -5.49 14.90 -41.81
N GLY B 93 -5.89 14.79 -43.10
CA GLY B 93 -5.55 13.57 -43.83
C GLY B 93 -4.67 13.97 -44.99
N PHE B 94 -3.74 13.09 -45.26
CA PHE B 94 -2.72 13.36 -46.30
C PHE B 94 -2.81 12.38 -47.44
N ALA B 95 -3.92 11.62 -47.51
CA ALA B 95 -3.98 10.52 -48.49
C ALA B 95 -2.71 9.70 -48.47
N TRP B 96 -2.11 9.43 -49.68
CA TRP B 96 -0.90 8.62 -49.80
C TRP B 96 0.33 9.49 -49.98
N ASP B 97 0.23 10.77 -49.66
CA ASP B 97 1.30 11.72 -50.05
C ASP B 97 2.51 11.65 -49.14
N GLN B 98 2.35 11.07 -47.94
CA GLN B 98 3.45 10.94 -47.02
C GLN B 98 3.73 9.49 -46.59
N PRO B 99 4.24 8.67 -47.50
CA PRO B 99 4.56 7.30 -47.09
C PRO B 99 5.68 7.21 -46.05
N ILE B 100 5.60 6.21 -45.18
CA ILE B 100 6.78 5.94 -44.39
C ILE B 100 7.40 4.65 -44.81
N ALA B 101 6.76 3.97 -45.76
CA ALA B 101 7.26 2.68 -46.17
C ALA B 101 6.98 2.49 -47.67
N ASP B 102 7.53 1.42 -48.19
CA ASP B 102 7.43 1.15 -49.63
C ASP B 102 6.08 0.52 -49.97
N ASN B 103 5.29 1.24 -50.76
CA ASN B 103 3.99 0.80 -51.27
C ASN B 103 4.04 -0.46 -52.15
N LYS B 104 5.25 -0.89 -52.51
CA LYS B 104 5.39 -2.15 -53.35
C LYS B 104 5.24 -3.49 -52.59
N THR B 105 5.40 -3.49 -51.27
CA THR B 105 5.33 -4.69 -50.46
C THR B 105 4.07 -4.64 -49.63
N LYS B 106 3.50 -5.79 -49.36
CA LYS B 106 2.36 -5.83 -48.46
C LYS B 106 2.71 -5.19 -47.08
N GLU B 107 3.94 -5.39 -46.58
CA GLU B 107 4.29 -4.94 -45.27
C GLU B 107 4.34 -3.38 -45.33
N GLY B 108 4.78 -2.84 -46.45
CA GLY B 108 5.02 -1.42 -46.57
C GLY B 108 3.66 -0.69 -46.66
N ARG B 109 2.77 -1.28 -47.45
CA ARG B 109 1.42 -0.70 -47.52
C ARG B 109 0.77 -0.72 -46.14
N ALA B 110 0.97 -1.81 -45.35
CA ALA B 110 0.34 -1.95 -44.04
C ALA B 110 0.92 -0.82 -43.16
N MET B 111 2.23 -0.57 -43.23
CA MET B 111 2.80 0.56 -42.46
C MET B 111 2.24 1.94 -42.87
N ASN B 112 1.92 2.09 -44.17
CA ASN B 112 1.37 3.40 -44.64
C ASN B 112 -0.04 3.71 -44.22
N ARG B 113 -0.86 2.64 -43.97
CA ARG B 113 -2.26 2.82 -43.66
C ARG B 113 -2.29 3.14 -42.12
N ARG B 114 -2.26 4.44 -41.80
CA ARG B 114 -1.90 4.73 -40.35
C ARG B 114 -2.35 6.11 -39.96
N VAL B 115 -2.42 6.32 -38.65
CA VAL B 115 -2.57 7.72 -38.10
C VAL B 115 -1.38 7.86 -37.22
N PHE B 116 -0.72 9.01 -37.27
CA PHE B 116 0.27 9.32 -36.25
C PHE B 116 -0.30 10.53 -35.52
N ALA B 117 -0.34 10.46 -34.19
CA ALA B 117 -0.83 11.64 -33.39
C ALA B 117 0.43 12.07 -32.61
N THR B 118 0.73 13.37 -32.63
CA THR B 118 1.86 13.89 -31.90
C THR B 118 1.27 14.82 -30.85
N ILE B 119 1.61 14.53 -29.61
CA ILE B 119 1.03 15.27 -28.49
C ILE B 119 2.16 16.11 -27.93
N THR B 120 1.96 17.43 -27.77
CA THR B 120 3.04 18.28 -27.14
C THR B 120 2.34 19.20 -26.15
N GLY B 121 3.14 19.66 -25.24
CA GLY B 121 2.60 20.61 -24.25
C GLY B 121 3.47 20.62 -23.03
N SER B 122 3.25 21.65 -22.23
CA SER B 122 3.99 21.75 -20.95
C SER B 122 3.06 21.98 -19.83
N ARG B 123 3.64 21.79 -18.67
CA ARG B 123 2.94 22.16 -17.39
C ARG B 123 3.98 22.69 -16.43
N MET C 4 14.85 -8.47 16.75
CA MET C 4 13.39 -8.85 16.89
C MET C 4 12.99 -9.76 17.99
N GLU C 5 11.82 -9.50 18.54
CA GLU C 5 11.38 -10.37 19.56
C GLU C 5 10.49 -11.38 18.83
N LEU C 6 10.87 -12.65 18.95
CA LEU C 6 10.11 -13.69 18.32
C LEU C 6 10.25 -14.92 19.23
N THR C 7 9.12 -15.48 19.57
CA THR C 7 9.13 -16.77 20.35
C THR C 7 8.01 -17.66 19.84
N GLU C 8 8.31 -18.96 19.97
CA GLU C 8 7.29 -19.96 19.69
C GLU C 8 7.19 -20.84 20.90
N ASP C 9 5.96 -21.10 21.35
CA ASP C 9 5.76 -21.91 22.55
C ASP C 9 5.10 -23.20 22.13
N LEU C 10 5.68 -24.32 22.57
CA LEU C 10 5.07 -25.67 22.37
C LEU C 10 4.25 -26.11 23.53
N ASN C 11 3.04 -26.63 23.24
CA ASN C 11 2.20 -27.27 24.24
C ASN C 11 1.61 -28.51 23.61
N MET C 12 1.91 -29.67 24.15
CA MET C 12 1.33 -30.88 23.56
C MET C 12 0.77 -31.74 24.67
N GLU C 13 -0.25 -32.52 24.34
CA GLU C 13 -0.75 -33.48 25.28
C GLU C 13 -0.86 -34.83 24.56
N LEU C 14 -0.25 -35.89 25.10
CA LEU C 14 -0.26 -37.24 24.47
C LEU C 14 -1.21 -38.06 25.42
N ARG C 15 -2.14 -38.89 24.91
CA ARG C 15 -2.92 -39.80 25.73
C ARG C 15 -2.73 -41.16 25.15
N VAL C 16 -2.21 -42.07 25.98
CA VAL C 16 -2.00 -43.51 25.56
C VAL C 16 -2.88 -44.35 26.46
N PHE C 17 -3.57 -45.34 25.87
CA PHE C 17 -4.47 -46.20 26.70
C PHE C 17 -3.99 -47.64 26.70
N PHE C 18 -4.35 -48.34 27.78
CA PHE C 18 -3.82 -49.66 28.01
C PHE C 18 -4.93 -50.71 28.34
N ASP C 19 -4.58 -51.89 27.96
CA ASP C 19 -5.48 -53.00 28.33
C ASP C 19 -5.26 -53.34 29.82
N THR C 20 -6.26 -54.06 30.37
CA THR C 20 -6.26 -54.49 31.76
C THR C 20 -4.95 -55.24 32.13
N ASN C 21 -4.32 -54.77 33.22
CA ASN C 21 -3.00 -55.24 33.72
C ASN C 21 -1.77 -55.12 32.86
N LYS C 22 -1.92 -54.31 31.76
CA LYS C 22 -0.86 -54.23 30.78
C LYS C 22 -0.22 -52.83 30.84
N SER C 23 1.07 -52.85 30.54
CA SER C 23 1.83 -51.61 30.49
C SER C 23 2.60 -51.46 29.22
N ASN C 24 2.29 -52.32 28.24
CA ASN C 24 2.93 -52.23 26.90
C ASN C 24 2.25 -51.01 26.13
N ILE C 25 3.03 -50.43 25.20
CA ILE C 25 2.49 -49.43 24.26
C ILE C 25 1.99 -50.22 22.98
N LYS C 26 0.71 -50.09 22.77
CA LYS C 26 0.08 -50.73 21.61
C LYS C 26 0.55 -50.02 20.38
N ASP C 27 0.68 -50.84 19.33
CA ASP C 27 1.25 -50.30 18.08
C ASP C 27 0.52 -49.06 17.55
N GLN C 28 -0.77 -48.91 17.81
CA GLN C 28 -1.53 -47.82 17.24
C GLN C 28 -0.96 -46.48 17.85
N TYR C 29 -0.28 -46.56 18.99
CA TYR C 29 0.19 -45.31 19.69
C TYR C 29 1.56 -44.90 19.19
N LYS C 30 2.25 -45.71 18.38
CA LYS C 30 3.57 -45.37 17.94
C LYS C 30 3.62 -44.04 17.16
N PRO C 31 2.66 -43.76 16.26
CA PRO C 31 2.79 -42.49 15.53
C PRO C 31 2.75 -41.26 16.45
N GLU C 32 1.97 -41.39 17.52
CA GLU C 32 1.86 -40.23 18.48
C GLU C 32 3.18 -40.09 19.21
N ILE C 33 3.77 -41.19 19.63
CA ILE C 33 5.09 -41.09 20.35
C ILE C 33 6.13 -40.50 19.42
N ALA C 34 6.13 -40.95 18.13
CA ALA C 34 7.04 -40.39 17.20
C ALA C 34 6.86 -38.90 17.06
N LYS C 35 5.61 -38.43 17.08
CA LYS C 35 5.43 -36.98 16.98
C LYS C 35 5.94 -36.24 18.18
N VAL C 36 5.69 -36.80 19.37
CA VAL C 36 6.30 -36.21 20.60
C VAL C 36 7.79 -36.15 20.44
N ALA C 37 8.43 -37.20 19.97
CA ALA C 37 9.89 -37.17 19.82
C ALA C 37 10.32 -36.09 18.82
N GLU C 38 9.60 -35.97 17.71
CA GLU C 38 9.93 -34.87 16.76
C GLU C 38 9.78 -33.51 17.42
N LYS C 39 8.77 -33.27 18.24
CA LYS C 39 8.71 -31.94 18.80
C LYS C 39 9.73 -31.72 19.95
N LEU C 40 10.12 -32.77 20.63
CA LEU C 40 11.20 -32.64 21.65
C LEU C 40 12.56 -32.30 20.99
N SER C 41 12.75 -32.63 19.70
CA SER C 41 13.99 -32.28 18.96
C SER C 41 13.82 -30.85 18.44
N GLU C 42 12.61 -30.48 17.97
CA GLU C 42 12.39 -29.15 17.44
C GLU C 42 12.41 -28.09 18.51
N TYR C 43 12.11 -28.45 19.74
CA TYR C 43 12.12 -27.56 20.90
C TYR C 43 13.09 -28.23 21.91
N PRO C 44 14.37 -27.92 21.77
CA PRO C 44 15.29 -28.70 22.60
C PRO C 44 15.19 -28.40 24.07
N ASN C 45 14.61 -27.28 24.47
CA ASN C 45 14.45 -27.08 25.91
C ASN C 45 13.18 -27.71 26.46
N ALA C 46 12.43 -28.48 25.63
CA ALA C 46 11.11 -28.83 26.12
C ALA C 46 11.30 -30.01 27.09
N THR C 47 10.33 -30.16 27.92
CA THR C 47 10.30 -31.29 28.91
C THR C 47 8.93 -31.89 28.88
N ALA C 48 8.80 -33.08 29.45
CA ALA C 48 7.47 -33.75 29.47
C ALA C 48 7.19 -34.18 30.89
N ARG C 49 5.92 -34.10 31.26
CA ARG C 49 5.46 -34.65 32.59
C ARG C 49 4.53 -35.80 32.23
N ILE C 50 5.01 -37.02 32.43
CA ILE C 50 4.22 -38.21 32.03
C ILE C 50 3.58 -38.86 33.24
N GLU C 51 2.27 -38.97 33.20
CA GLU C 51 1.52 -39.38 34.40
C GLU C 51 0.73 -40.60 34.02
N GLY C 52 0.90 -41.68 34.81
CA GLY C 52 0.15 -42.95 34.51
C GLY C 52 -0.91 -43.20 35.60
N HIS C 53 -1.86 -44.02 35.17
CA HIS C 53 -3.10 -44.21 35.90
C HIS C 53 -3.58 -45.64 35.65
N THR C 54 -4.46 -46.06 36.59
CA THR C 54 -5.11 -47.37 36.51
C THR C 54 -6.63 -47.19 36.67
N ASP C 55 -7.38 -48.19 36.25
CA ASP C 55 -8.77 -48.21 36.74
C ASP C 55 -8.73 -48.68 38.19
N ASN C 56 -9.91 -48.77 38.83
CA ASN C 56 -9.91 -49.04 40.29
C ASN C 56 -9.99 -50.52 40.70
N THR C 57 -9.80 -51.44 39.76
CA THR C 57 -9.90 -52.85 40.00
C THR C 57 -8.52 -53.40 40.44
N GLY C 58 -8.48 -54.42 41.32
CA GLY C 58 -7.19 -55.05 41.71
C GLY C 58 -6.56 -54.45 42.96
N PRO C 59 -5.46 -55.05 43.50
CA PRO C 59 -4.86 -54.58 44.77
C PRO C 59 -4.28 -53.15 44.59
N ARG C 60 -4.33 -52.33 45.67
CA ARG C 60 -3.71 -50.97 45.66
C ARG C 60 -2.25 -51.05 45.22
N LYS C 61 -1.54 -52.06 45.71
CA LYS C 61 -0.15 -52.28 45.42
C LYS C 61 0.17 -52.53 43.93
N LEU C 62 -0.66 -53.35 43.29
CA LEU C 62 -0.61 -53.61 41.84
C LEU C 62 -0.74 -52.24 41.12
N ASN C 63 -1.68 -51.42 41.56
CA ASN C 63 -2.06 -50.23 40.80
C ASN C 63 -1.09 -49.12 41.02
N GLU C 64 -0.48 -49.05 42.20
CA GLU C 64 0.64 -48.12 42.38
C GLU C 64 1.75 -48.46 41.35
N ARG C 65 2.06 -49.73 41.21
CA ARG C 65 3.17 -50.13 40.38
C ARG C 65 2.75 -49.99 38.92
N LEU C 66 1.53 -50.41 38.60
CA LEU C 66 1.05 -50.46 37.20
C LEU C 66 0.97 -49.04 36.64
N SER C 67 0.42 -48.11 37.42
CA SER C 67 0.32 -46.67 36.98
C SER C 67 1.70 -46.17 36.63
N LEU C 68 2.71 -46.38 37.48
CA LEU C 68 4.06 -45.90 37.19
C LEU C 68 4.70 -46.67 36.04
N ALA C 69 4.50 -47.99 35.96
CA ALA C 69 5.03 -48.75 34.87
C ALA C 69 4.49 -48.24 33.54
N ARG C 70 3.22 -47.82 33.54
CA ARG C 70 2.69 -47.32 32.25
C ARG C 70 3.38 -45.97 31.87
N ALA C 71 3.54 -45.10 32.85
CA ALA C 71 4.33 -43.81 32.57
C ALA C 71 5.74 -44.17 32.14
N ASN C 72 6.42 -45.11 32.85
CA ASN C 72 7.72 -45.51 32.43
C ASN C 72 7.85 -46.15 31.06
N SER C 73 6.78 -46.83 30.63
CA SER C 73 6.77 -47.41 29.30
C SER C 73 6.80 -46.35 28.20
N VAL C 74 6.00 -45.28 28.44
CA VAL C 74 6.06 -44.09 27.55
C VAL C 74 7.43 -43.44 27.54
N LYS C 75 7.99 -43.26 28.74
CA LYS C 75 9.35 -42.69 28.80
C LYS C 75 10.38 -43.59 28.12
N SER C 76 10.24 -44.93 28.31
CA SER C 76 11.20 -45.84 27.74
C SER C 76 11.16 -45.79 26.23
N ALA C 77 9.93 -45.73 25.63
CA ALA C 77 9.84 -45.67 24.21
C ALA C 77 10.62 -44.43 23.75
N LEU C 78 10.39 -43.27 24.39
CA LEU C 78 11.11 -42.04 23.97
C LEU C 78 12.61 -42.14 24.12
N VAL C 79 13.03 -42.64 25.27
CA VAL C 79 14.47 -42.74 25.52
C VAL C 79 15.18 -43.74 24.61
N ASN C 80 14.58 -44.91 24.46
CA ASN C 80 15.25 -46.06 23.86
C ASN C 80 15.06 -46.06 22.37
N GLU C 81 13.90 -45.66 21.89
CA GLU C 81 13.62 -45.76 20.45
C GLU C 81 13.88 -44.45 19.72
N TYR C 82 13.80 -43.32 20.44
CA TYR C 82 13.96 -41.97 19.84
C TYR C 82 15.16 -41.22 20.40
N ASN C 83 15.91 -41.91 21.24
CA ASN C 83 17.12 -41.25 21.76
C ASN C 83 16.81 -39.90 22.46
N VAL C 84 15.69 -39.81 23.19
CA VAL C 84 15.39 -38.58 23.91
C VAL C 84 16.06 -38.71 25.28
N ASP C 85 16.70 -37.66 25.77
CA ASP C 85 17.40 -37.73 27.03
C ASP C 85 16.38 -38.03 28.15
N ALA C 86 16.67 -39.01 29.00
CA ALA C 86 15.77 -39.30 30.08
C ALA C 86 15.44 -38.24 31.05
N SER C 87 16.41 -37.36 31.34
CA SER C 87 16.16 -36.37 32.36
C SER C 87 15.16 -35.30 32.01
N ARG C 88 14.80 -35.25 30.75
CA ARG C 88 13.79 -34.28 30.33
C ARG C 88 12.36 -34.78 30.59
N LEU C 89 12.24 -36.04 30.98
CA LEU C 89 10.94 -36.68 31.08
C LEU C 89 10.68 -37.17 32.50
N SER C 90 9.68 -36.62 33.13
CA SER C 90 9.36 -37.06 34.48
C SER C 90 8.31 -38.16 34.35
N THR C 91 8.33 -39.07 35.31
CA THR C 91 7.22 -40.00 35.36
C THR C 91 6.65 -40.11 36.79
N GLN C 92 5.33 -40.31 36.84
CA GLN C 92 4.67 -40.54 38.12
C GLN C 92 3.46 -41.41 37.88
N GLY C 93 3.12 -42.26 38.85
CA GLY C 93 1.92 -43.05 38.74
C GLY C 93 0.90 -42.58 39.84
N PHE C 94 -0.36 -42.59 39.50
CA PHE C 94 -1.40 -42.06 40.47
C PHE C 94 -2.35 -43.16 40.83
N ALA C 95 -1.93 -44.39 40.57
CA ALA C 95 -2.85 -45.56 40.68
C ALA C 95 -4.25 -45.19 40.25
N TRP C 96 -5.31 -45.51 41.03
CA TRP C 96 -6.67 -45.15 40.66
C TRP C 96 -7.19 -43.81 41.19
N ASP C 97 -6.29 -42.97 41.69
CA ASP C 97 -6.65 -41.77 42.44
C ASP C 97 -7.26 -40.65 41.57
N GLN C 98 -7.01 -40.68 40.25
CA GLN C 98 -7.43 -39.59 39.36
C GLN C 98 -8.22 -40.12 38.21
N PRO C 99 -9.46 -40.61 38.50
CA PRO C 99 -10.23 -41.12 37.38
C PRO C 99 -10.66 -40.00 36.45
N ILE C 100 -10.85 -40.34 35.18
CA ILE C 100 -11.41 -39.41 34.22
C ILE C 100 -12.75 -39.95 33.72
N ALA C 101 -13.08 -41.19 34.08
CA ALA C 101 -14.35 -41.74 33.70
C ALA C 101 -14.86 -42.65 34.81
N ASP C 102 -16.09 -43.09 34.59
CA ASP C 102 -16.83 -43.96 35.51
C ASP C 102 -16.21 -45.32 35.56
N ASN C 103 -15.65 -45.68 36.72
CA ASN C 103 -15.13 -47.06 36.85
C ASN C 103 -16.21 -48.21 36.84
N LYS C 104 -17.49 -47.86 36.89
CA LYS C 104 -18.55 -48.91 36.89
C LYS C 104 -18.85 -49.52 35.53
N THR C 105 -18.35 -48.90 34.45
CA THR C 105 -18.58 -49.35 33.07
C THR C 105 -17.24 -49.79 32.45
N LYS C 106 -17.28 -50.83 31.60
CA LYS C 106 -16.11 -51.37 30.88
C LYS C 106 -15.41 -50.23 30.16
N GLU C 107 -16.21 -49.34 29.59
CA GLU C 107 -15.70 -48.24 28.78
C GLU C 107 -15.14 -47.07 29.63
N GLY C 108 -15.69 -46.84 30.81
CA GLY C 108 -15.10 -45.95 31.78
C GLY C 108 -13.76 -46.50 32.26
N ARG C 109 -13.76 -47.77 32.61
CA ARG C 109 -12.49 -48.42 33.01
C ARG C 109 -11.40 -48.30 31.91
N ALA C 110 -11.76 -48.51 30.65
CA ALA C 110 -10.81 -48.35 29.51
C ALA C 110 -10.24 -46.95 29.46
N MET C 111 -11.06 -45.93 29.67
CA MET C 111 -10.58 -44.55 29.70
C MET C 111 -9.58 -44.31 30.83
N ASN C 112 -9.78 -44.99 31.98
CA ASN C 112 -8.94 -44.66 33.15
C ASN C 112 -7.58 -45.28 33.05
N ARG C 113 -7.48 -46.37 32.29
CA ARG C 113 -6.20 -47.08 32.07
C ARG C 113 -5.38 -46.30 31.03
N ARG C 114 -4.56 -45.36 31.51
CA ARG C 114 -4.06 -44.39 30.52
C ARG C 114 -2.78 -43.79 31.09
N VAL C 115 -2.03 -43.21 30.17
CA VAL C 115 -0.99 -42.26 30.52
C VAL C 115 -1.39 -40.97 29.83
N PHE C 116 -1.28 -39.85 30.54
CA PHE C 116 -1.35 -38.54 29.92
C PHE C 116 0.00 -37.87 30.09
N ALA C 117 0.55 -37.36 28.99
CA ALA C 117 1.78 -36.68 29.04
C ALA C 117 1.61 -35.26 28.55
N THR C 118 2.20 -34.31 29.26
CA THR C 118 2.10 -32.91 28.91
C THR C 118 3.54 -32.47 28.55
N ILE C 119 3.68 -31.93 27.35
CA ILE C 119 5.01 -31.57 26.83
C ILE C 119 4.95 -30.04 26.70
N THR C 120 5.93 -29.34 27.25
CA THR C 120 5.98 -27.89 27.12
C THR C 120 7.38 -27.44 26.78
N GLY C 121 7.52 -26.41 25.95
CA GLY C 121 8.84 -25.92 25.61
C GLY C 121 8.68 -24.59 24.92
N SER C 122 9.82 -24.01 24.56
CA SER C 122 9.80 -22.69 23.84
C SER C 122 11.08 -22.61 23.00
N ARG C 123 11.03 -21.82 21.95
CA ARG C 123 12.22 -21.60 21.13
C ARG C 123 12.22 -20.18 20.53
N SER D 2 5.86 -1.87 -29.62
CA SER D 2 4.98 -0.78 -29.13
C SER D 2 4.64 0.20 -30.28
N HIS D 3 3.55 0.89 -30.03
CA HIS D 3 2.95 1.79 -30.99
C HIS D 3 2.83 3.17 -30.42
N MET D 4 3.48 3.38 -29.27
CA MET D 4 3.33 4.70 -28.64
C MET D 4 4.54 4.90 -27.80
N GLU D 5 5.18 6.05 -27.95
CA GLU D 5 6.29 6.36 -27.06
C GLU D 5 5.99 7.77 -26.42
N LEU D 6 6.50 7.97 -25.22
CA LEU D 6 6.34 9.29 -24.60
C LEU D 6 7.59 9.61 -23.81
N THR D 7 7.87 10.89 -23.74
CA THR D 7 8.98 11.41 -22.96
C THR D 7 8.42 12.65 -22.17
N GLU D 8 8.93 12.83 -20.96
CA GLU D 8 8.66 14.07 -20.21
C GLU D 8 10.01 14.62 -19.83
N ASP D 9 10.17 15.94 -20.00
CA ASP D 9 11.50 16.49 -19.74
C ASP D 9 11.32 17.51 -18.62
N LEU D 10 12.17 17.40 -17.59
CA LEU D 10 12.09 18.30 -16.41
C LEU D 10 13.11 19.41 -16.58
N ASN D 11 12.69 20.67 -16.36
CA ASN D 11 13.66 21.78 -16.26
C ASN D 11 13.27 22.63 -15.10
N MET D 12 14.13 22.80 -14.10
CA MET D 12 13.77 23.69 -12.96
C MET D 12 14.96 24.60 -12.70
N GLU D 13 14.65 25.78 -12.25
CA GLU D 13 15.66 26.69 -11.75
C GLU D 13 15.26 27.12 -10.31
N LEU D 14 16.18 27.02 -9.36
CA LEU D 14 15.92 27.41 -7.90
C LEU D 14 16.91 28.57 -7.70
N ARG D 15 16.46 29.68 -7.07
CA ARG D 15 17.35 30.80 -6.75
C ARG D 15 17.23 30.91 -5.21
N VAL D 16 18.38 30.89 -4.55
CA VAL D 16 18.41 31.10 -3.09
C VAL D 16 19.28 32.33 -2.87
N PHE D 17 18.87 33.25 -1.97
CA PHE D 17 19.65 34.48 -1.73
C PHE D 17 20.16 34.48 -0.27
N PHE D 18 21.29 35.19 -0.08
CA PHE D 18 21.98 35.09 1.23
C PHE D 18 22.36 36.43 1.71
N ASP D 19 22.44 36.50 3.06
CA ASP D 19 22.97 37.69 3.68
C ASP D 19 24.54 37.75 3.54
N THR D 20 25.04 38.96 3.74
CA THR D 20 26.49 39.25 3.63
C THR D 20 27.31 38.31 4.47
N ASN D 21 28.27 37.65 3.81
CA ASN D 21 29.20 36.70 4.44
C ASN D 21 28.55 35.50 5.09
N LYS D 22 27.28 35.20 4.73
CA LYS D 22 26.59 34.09 5.24
C LYS D 22 26.28 33.06 4.16
N SER D 23 26.22 31.79 4.56
CA SER D 23 25.89 30.68 3.63
C SER D 23 24.77 29.84 4.14
N ASN D 24 24.02 30.34 5.14
CA ASN D 24 22.88 29.58 5.63
C ASN D 24 21.66 29.77 4.66
N ILE D 25 20.80 28.76 4.66
CA ILE D 25 19.54 28.75 3.86
C ILE D 25 18.42 29.27 4.79
N LYS D 26 17.90 30.43 4.46
CA LYS D 26 16.83 31.03 5.26
C LYS D 26 15.53 30.24 5.09
N ASP D 27 14.70 30.31 6.12
CA ASP D 27 13.54 29.44 6.22
C ASP D 27 12.62 29.58 5.03
N GLN D 28 12.59 30.77 4.43
CA GLN D 28 11.56 31.01 3.38
C GLN D 28 11.89 30.15 2.13
N TYR D 29 13.09 29.60 2.06
CA TYR D 29 13.44 28.78 0.89
C TYR D 29 13.09 27.31 1.01
N LYS D 30 12.62 26.87 2.19
CA LYS D 30 12.38 25.43 2.36
C LYS D 30 11.33 24.86 1.39
N PRO D 31 10.18 25.55 1.10
CA PRO D 31 9.22 24.96 0.20
C PRO D 31 9.80 24.72 -1.25
N GLU D 32 10.65 25.65 -1.65
CA GLU D 32 11.23 25.51 -3.03
C GLU D 32 12.28 24.38 -3.07
N ILE D 33 13.03 24.23 -1.98
CA ILE D 33 13.96 23.09 -1.86
C ILE D 33 13.18 21.80 -1.90
N ALA D 34 12.12 21.77 -1.09
CA ALA D 34 11.30 20.58 -1.03
C ALA D 34 10.74 20.20 -2.43
N LYS D 35 10.37 21.19 -3.22
CA LYS D 35 9.73 20.91 -4.52
C LYS D 35 10.83 20.43 -5.45
N VAL D 36 12.06 20.91 -5.36
CA VAL D 36 13.21 20.34 -6.08
C VAL D 36 13.36 18.89 -5.69
N ALA D 37 13.39 18.59 -4.40
CA ALA D 37 13.57 17.20 -3.96
C ALA D 37 12.48 16.29 -4.52
N GLU D 38 11.24 16.77 -4.53
CA GLU D 38 10.14 16.04 -5.09
C GLU D 38 10.32 15.71 -6.54
N LYS D 39 10.66 16.72 -7.35
CA LYS D 39 10.90 16.47 -8.76
C LYS D 39 12.13 15.57 -8.95
N LEU D 40 13.18 15.65 -8.15
CA LEU D 40 14.37 14.71 -8.22
C LEU D 40 13.95 13.26 -7.95
N SER D 41 12.93 13.06 -7.15
CA SER D 41 12.41 11.73 -6.89
C SER D 41 11.53 11.25 -8.05
N GLU D 42 10.73 12.16 -8.60
CA GLU D 42 9.85 11.87 -9.76
C GLU D 42 10.61 11.61 -11.04
N TYR D 43 11.79 12.20 -11.17
CA TYR D 43 12.70 12.03 -12.35
C TYR D 43 14.00 11.47 -11.86
N PRO D 44 14.09 10.12 -11.71
CA PRO D 44 15.24 9.57 -11.01
C PRO D 44 16.51 9.76 -11.75
N ASN D 45 16.47 10.05 -13.06
CA ASN D 45 17.69 10.33 -13.74
C ASN D 45 18.10 11.78 -13.75
N ALA D 46 17.29 12.62 -13.14
CA ALA D 46 17.61 14.07 -13.17
C ALA D 46 18.81 14.39 -12.30
N THR D 47 19.49 15.46 -12.68
CA THR D 47 20.64 15.90 -11.90
C THR D 47 20.52 17.38 -11.67
N ALA D 48 21.27 17.90 -10.69
CA ALA D 48 21.24 19.34 -10.48
C ALA D 48 22.64 19.89 -10.56
N ARG D 49 22.77 21.07 -11.14
CA ARG D 49 23.98 21.85 -11.15
C ARG D 49 23.79 23.08 -10.24
N ILE D 50 24.50 23.08 -9.11
CA ILE D 50 24.24 24.07 -8.07
C ILE D 50 25.42 25.03 -8.07
N GLU D 51 25.16 26.28 -8.30
CA GLU D 51 26.16 27.29 -8.58
C GLU D 51 26.08 28.43 -7.61
N GLY D 52 27.19 28.68 -6.88
CA GLY D 52 27.10 29.74 -5.87
C GLY D 52 27.91 30.96 -6.19
N HIS D 53 27.51 32.10 -5.63
CA HIS D 53 28.03 33.40 -6.02
C HIS D 53 28.09 34.36 -4.85
N THR D 54 28.93 35.39 -5.01
CA THR D 54 29.03 36.45 -4.02
C THR D 54 28.82 37.81 -4.64
N ASP D 55 28.55 38.86 -3.82
CA ASP D 55 28.78 40.23 -4.35
C ASP D 55 30.29 40.49 -4.27
N ASN D 56 30.71 41.66 -4.74
CA ASN D 56 32.18 41.90 -4.98
C ASN D 56 32.91 42.59 -3.81
N THR D 57 32.32 42.54 -2.63
CA THR D 57 32.92 43.13 -1.47
C THR D 57 33.72 42.08 -0.74
N GLY D 58 34.84 42.51 -0.16
CA GLY D 58 35.66 41.63 0.67
C GLY D 58 36.78 40.97 -0.13
N PRO D 59 37.64 40.23 0.58
CA PRO D 59 38.79 39.70 -0.15
C PRO D 59 38.45 38.54 -1.06
N ARG D 60 39.20 38.44 -2.17
CA ARG D 60 38.96 37.36 -3.10
C ARG D 60 38.82 35.94 -2.54
N LYS D 61 39.81 35.47 -1.78
CA LYS D 61 39.79 34.06 -1.40
C LYS D 61 38.57 33.72 -0.54
N LEU D 62 38.29 34.59 0.41
CA LEU D 62 37.11 34.48 1.28
C LEU D 62 35.87 34.31 0.41
N ASN D 63 35.72 35.13 -0.63
CA ASN D 63 34.56 35.01 -1.55
C ASN D 63 34.55 33.79 -2.42
N GLU D 64 35.72 33.32 -2.89
CA GLU D 64 35.73 32.04 -3.54
C GLU D 64 35.20 30.97 -2.56
N ARG D 65 35.73 30.93 -1.29
CA ARG D 65 35.20 29.92 -0.38
C ARG D 65 33.72 30.11 -0.06
N LEU D 66 33.33 31.36 0.01
CA LEU D 66 31.89 31.66 0.41
C LEU D 66 30.95 31.25 -0.76
N SER D 67 31.36 31.50 -2.01
CA SER D 67 30.43 31.06 -3.10
C SER D 67 30.24 29.57 -3.10
N LEU D 68 31.33 28.82 -2.86
CA LEU D 68 31.22 27.40 -2.88
C LEU D 68 30.49 26.91 -1.64
N ALA D 69 30.69 27.56 -0.46
CA ALA D 69 29.95 27.21 0.71
C ALA D 69 28.42 27.39 0.51
N ARG D 70 28.05 28.44 -0.22
CA ARG D 70 26.58 28.69 -0.54
C ARG D 70 26.05 27.54 -1.36
N ALA D 71 26.79 27.14 -2.41
CA ALA D 71 26.31 26.02 -3.16
C ALA D 71 26.25 24.74 -2.38
N ASN D 72 27.32 24.50 -1.60
CA ASN D 72 27.32 23.30 -0.78
C ASN D 72 26.24 23.31 0.29
N SER D 73 25.75 24.47 0.77
CA SER D 73 24.63 24.47 1.73
C SER D 73 23.37 23.95 1.06
N VAL D 74 23.14 24.36 -0.21
CA VAL D 74 22.01 23.83 -0.94
C VAL D 74 22.12 22.34 -1.17
N LYS D 75 23.30 21.89 -1.64
CA LYS D 75 23.52 20.47 -1.78
C LYS D 75 23.30 19.68 -0.49
N SER D 76 23.85 20.21 0.57
CA SER D 76 23.78 19.55 1.87
C SER D 76 22.30 19.44 2.33
N ALA D 77 21.50 20.51 2.10
CA ALA D 77 20.09 20.43 2.42
C ALA D 77 19.46 19.27 1.68
N LEU D 78 19.70 19.24 0.37
CA LEU D 78 19.12 18.14 -0.36
C LEU D 78 19.58 16.72 0.02
N VAL D 79 20.88 16.54 0.19
CA VAL D 79 21.46 15.25 0.60
C VAL D 79 20.97 14.88 1.99
N ASN D 80 21.13 15.78 2.95
CA ASN D 80 20.89 15.42 4.35
C ASN D 80 19.47 15.50 4.80
N GLU D 81 18.72 16.48 4.33
CA GLU D 81 17.29 16.56 4.74
C GLU D 81 16.39 15.76 3.85
N TYR D 82 16.69 15.65 2.56
CA TYR D 82 15.77 14.99 1.62
C TYR D 82 16.32 13.70 1.04
N ASN D 83 17.51 13.28 1.52
CA ASN D 83 18.14 12.00 1.15
C ASN D 83 18.40 11.86 -0.35
N VAL D 84 18.68 12.99 -1.04
CA VAL D 84 19.07 12.91 -2.43
C VAL D 84 20.47 12.34 -2.49
N ASP D 85 20.70 11.38 -3.40
CA ASP D 85 22.03 10.90 -3.71
C ASP D 85 22.99 12.05 -4.10
N ALA D 86 24.09 12.20 -3.38
CA ALA D 86 25.01 13.27 -3.59
C ALA D 86 25.65 13.22 -4.96
N SER D 87 25.74 12.00 -5.56
CA SER D 87 26.33 11.91 -6.89
C SER D 87 25.49 12.60 -7.99
N ARG D 88 24.21 12.89 -7.69
CA ARG D 88 23.33 13.62 -8.68
C ARG D 88 23.48 15.14 -8.65
N LEU D 89 24.31 15.65 -7.73
CA LEU D 89 24.29 17.10 -7.50
C LEU D 89 25.69 17.59 -7.57
N SER D 90 25.90 18.50 -8.47
CA SER D 90 27.21 19.08 -8.58
C SER D 90 27.20 20.47 -7.90
N THR D 91 28.35 20.93 -7.37
CA THR D 91 28.45 22.29 -6.87
C THR D 91 29.69 23.02 -7.32
N GLN D 92 29.56 24.34 -7.46
CA GLN D 92 30.65 25.11 -7.96
C GLN D 92 30.46 26.51 -7.43
N GLY D 93 31.52 27.20 -7.04
CA GLY D 93 31.48 28.55 -6.69
C GLY D 93 32.17 29.46 -7.66
N PHE D 94 31.62 30.62 -7.88
CA PHE D 94 32.17 31.57 -8.89
C PHE D 94 32.59 32.86 -8.28
N ALA D 95 32.71 32.92 -6.93
CA ALA D 95 32.97 34.21 -6.31
C ALA D 95 32.13 35.29 -6.86
N TRP D 96 32.71 36.45 -7.21
CA TRP D 96 31.97 37.56 -7.77
C TRP D 96 32.03 37.68 -9.32
N ASP D 97 32.46 36.60 -9.98
CA ASP D 97 32.76 36.64 -11.43
C ASP D 97 31.54 36.67 -12.33
N GLN D 98 30.36 36.31 -11.78
CA GLN D 98 29.14 36.29 -12.61
C GLN D 98 28.03 37.09 -11.94
N PRO D 99 28.19 38.41 -11.87
CA PRO D 99 27.12 39.26 -11.38
C PRO D 99 25.86 39.17 -12.23
N ILE D 100 24.69 39.19 -11.59
CA ILE D 100 23.39 39.40 -12.32
C ILE D 100 22.85 40.82 -12.09
N ALA D 101 23.47 41.55 -11.21
CA ALA D 101 23.08 42.91 -10.92
C ALA D 101 24.25 43.81 -10.55
N ASP D 102 23.96 45.10 -10.40
CA ASP D 102 24.99 46.10 -10.20
C ASP D 102 25.55 46.05 -8.81
N ASN D 103 26.85 45.74 -8.68
CA ASN D 103 27.45 45.66 -7.36
C ASN D 103 27.59 47.01 -6.70
N LYS D 104 27.31 48.09 -7.46
CA LYS D 104 27.41 49.43 -6.86
C LYS D 104 26.16 49.79 -6.04
N THR D 105 25.07 49.01 -6.13
CA THR D 105 23.90 49.30 -5.30
C THR D 105 23.71 48.25 -4.18
N LYS D 106 23.08 48.64 -3.09
CA LYS D 106 22.67 47.67 -2.07
C LYS D 106 21.80 46.50 -2.64
N GLU D 107 20.73 46.76 -3.46
CA GLU D 107 19.85 45.63 -3.87
C GLU D 107 20.57 44.87 -4.98
N GLY D 108 21.48 45.53 -5.68
CA GLY D 108 22.29 44.80 -6.76
C GLY D 108 23.20 43.76 -6.07
N ARG D 109 23.88 44.20 -5.03
CA ARG D 109 24.76 43.30 -4.25
C ARG D 109 23.94 42.17 -3.67
N ALA D 110 22.74 42.50 -3.17
CA ALA D 110 21.89 41.49 -2.61
C ALA D 110 21.46 40.41 -3.64
N MET D 111 21.18 40.84 -4.86
CA MET D 111 20.81 39.91 -5.89
C MET D 111 21.98 39.02 -6.28
N ASN D 112 23.22 39.56 -6.13
CA ASN D 112 24.46 38.77 -6.42
C ASN D 112 24.84 37.71 -5.39
N ARG D 113 24.38 37.86 -4.15
CA ARG D 113 24.72 36.90 -3.08
C ARG D 113 23.71 35.74 -3.23
N ARG D 114 23.98 34.79 -4.11
CA ARG D 114 22.95 33.80 -4.47
C ARG D 114 23.51 32.41 -4.80
N VAL D 115 22.64 31.44 -4.81
CA VAL D 115 22.84 30.15 -5.46
C VAL D 115 21.77 30.06 -6.54
N PHE D 116 22.18 29.71 -7.77
CA PHE D 116 21.23 29.28 -8.79
C PHE D 116 21.44 27.79 -9.01
N ALA D 117 20.40 27.02 -8.91
CA ALA D 117 20.42 25.59 -9.11
C ALA D 117 19.60 25.27 -10.35
N THR D 118 20.21 24.49 -11.27
CA THR D 118 19.48 24.11 -12.48
C THR D 118 19.32 22.62 -12.44
N ILE D 119 18.10 22.16 -12.55
CA ILE D 119 17.77 20.76 -12.45
C ILE D 119 17.27 20.35 -13.82
N THR D 120 17.86 19.31 -14.38
CA THR D 120 17.41 18.84 -15.72
C THR D 120 17.31 17.36 -15.66
N GLY D 121 16.33 16.83 -16.36
CA GLY D 121 16.24 15.39 -16.47
C GLY D 121 15.12 15.00 -17.41
N SER D 122 14.93 13.70 -17.58
CA SER D 122 13.80 13.28 -18.41
C SER D 122 13.35 11.92 -17.93
N ARG D 123 12.14 11.56 -18.26
CA ARG D 123 11.67 10.20 -17.89
C ARG D 123 10.82 9.72 -19.11
N MET E 4 3.50 26.65 -28.17
CA MET E 4 2.76 27.71 -27.32
C MET E 4 3.38 27.76 -25.91
N GLU E 5 3.61 28.99 -25.41
CA GLU E 5 4.08 29.20 -24.05
C GLU E 5 2.90 29.85 -23.33
N LEU E 6 2.54 29.30 -22.17
CA LEU E 6 1.47 29.91 -21.46
C LEU E 6 1.83 29.89 -19.95
N THR E 7 1.78 31.03 -19.31
CA THR E 7 2.04 30.99 -17.85
C THR E 7 1.04 31.91 -17.19
N GLU E 8 0.59 31.53 -16.01
CA GLU E 8 -0.23 32.42 -15.20
C GLU E 8 0.46 32.47 -13.85
N ASP E 9 0.64 33.71 -13.38
CA ASP E 9 1.41 33.89 -12.14
C ASP E 9 0.45 34.34 -11.06
N LEU E 10 0.52 33.70 -9.88
CA LEU E 10 -0.33 34.07 -8.76
C LEU E 10 0.56 34.89 -7.77
N ASN E 11 -0.06 35.96 -7.29
CA ASN E 11 0.52 36.69 -6.12
C ASN E 11 -0.63 36.97 -5.17
N MET E 12 -0.50 36.50 -3.91
CA MET E 12 -1.51 36.77 -2.95
C MET E 12 -0.85 37.14 -1.62
N GLU E 13 -1.55 38.08 -0.93
CA GLU E 13 -1.08 38.51 0.41
C GLU E 13 -2.21 38.36 1.36
N LEU E 14 -1.91 37.68 2.49
CA LEU E 14 -2.93 37.47 3.48
C LEU E 14 -2.40 38.14 4.76
N ARG E 15 -3.32 38.81 5.46
CA ARG E 15 -2.94 39.39 6.77
C ARG E 15 -3.93 38.92 7.85
N VAL E 16 -3.35 38.39 8.93
CA VAL E 16 -4.21 37.91 10.06
C VAL E 16 -3.70 38.65 11.29
N PHE E 17 -4.63 39.19 12.09
CA PHE E 17 -4.26 39.87 13.36
C PHE E 17 -4.76 39.12 14.60
N PHE E 18 -3.97 39.33 15.66
CA PHE E 18 -4.11 38.54 16.89
C PHE E 18 -4.39 39.40 18.11
N ASP E 19 -5.06 38.76 19.04
CA ASP E 19 -5.12 39.35 20.39
C ASP E 19 -3.84 39.17 21.22
N THR E 20 -3.72 39.99 22.29
CA THR E 20 -2.46 40.05 23.02
C THR E 20 -2.20 38.69 23.64
N ASN E 21 -0.98 38.20 23.48
CA ASN E 21 -0.56 36.88 23.91
C ASN E 21 -1.28 35.67 23.37
N LYS E 22 -2.06 35.81 22.28
CA LYS E 22 -2.86 34.72 21.71
C LYS E 22 -2.33 34.42 20.26
N SER E 23 -2.45 33.15 19.90
CA SER E 23 -2.00 32.70 18.54
C SER E 23 -3.15 32.01 17.84
N ASN E 24 -4.37 32.12 18.37
CA ASN E 24 -5.57 31.56 17.68
C ASN E 24 -6.03 32.51 16.56
N ILE E 25 -6.56 31.90 15.51
CA ILE E 25 -7.07 32.62 14.34
C ILE E 25 -8.54 32.93 14.57
N LYS E 26 -8.87 34.20 14.63
CA LYS E 26 -10.30 34.51 14.69
C LYS E 26 -11.09 34.04 13.52
N ASP E 27 -12.35 33.67 13.75
CA ASP E 27 -13.15 33.10 12.66
C ASP E 27 -13.45 34.10 11.51
N GLN E 28 -13.38 35.44 11.76
CA GLN E 28 -13.55 36.40 10.69
C GLN E 28 -12.54 36.16 9.57
N TYR E 29 -11.44 35.48 9.90
CA TYR E 29 -10.35 35.25 8.86
C TYR E 29 -10.57 33.97 8.08
N LYS E 30 -11.58 33.22 8.48
CA LYS E 30 -11.78 31.97 7.76
C LYS E 30 -12.05 32.10 6.26
N PRO E 31 -12.82 33.11 5.81
CA PRO E 31 -13.05 33.15 4.35
C PRO E 31 -11.72 33.43 3.57
N GLU E 32 -10.85 34.25 4.16
CA GLU E 32 -9.55 34.55 3.43
C GLU E 32 -8.66 33.37 3.45
N ILE E 33 -8.65 32.64 4.56
CA ILE E 33 -7.82 31.43 4.56
C ILE E 33 -8.39 30.42 3.54
N ALA E 34 -9.68 30.28 3.44
CA ALA E 34 -10.26 29.35 2.42
C ALA E 34 -9.88 29.83 1.02
N LYS E 35 -9.90 31.13 0.80
CA LYS E 35 -9.52 31.61 -0.57
C LYS E 35 -8.07 31.32 -0.89
N VAL E 36 -7.22 31.44 0.09
CA VAL E 36 -5.79 31.02 -0.07
C VAL E 36 -5.71 29.51 -0.35
N ALA E 37 -6.50 28.72 0.36
CA ALA E 37 -6.51 27.27 0.01
C ALA E 37 -6.99 26.97 -1.42
N GLU E 38 -8.04 27.64 -1.82
CA GLU E 38 -8.56 27.51 -3.21
C GLU E 38 -7.45 27.81 -4.20
N LYS E 39 -6.72 28.92 -4.00
CA LYS E 39 -5.67 29.25 -4.99
C LYS E 39 -4.51 28.30 -4.90
N LEU E 40 -4.23 27.77 -3.70
CA LEU E 40 -3.17 26.77 -3.64
C LEU E 40 -3.49 25.46 -4.36
N SER E 41 -4.78 25.17 -4.51
CA SER E 41 -5.23 24.05 -5.27
C SER E 41 -5.25 24.36 -6.81
N GLU E 42 -5.54 25.61 -7.12
CA GLU E 42 -5.64 26.06 -8.58
C GLU E 42 -4.22 26.25 -9.13
N TYR E 43 -3.25 26.57 -8.26
CA TYR E 43 -1.81 26.68 -8.58
C TYR E 43 -1.02 25.71 -7.74
N PRO E 44 -1.07 24.43 -8.13
CA PRO E 44 -0.53 23.40 -7.26
C PRO E 44 0.95 23.50 -6.99
N ASN E 45 1.72 24.29 -7.77
CA ASN E 45 3.10 24.46 -7.45
C ASN E 45 3.40 25.72 -6.59
N ALA E 46 2.35 26.51 -6.30
CA ALA E 46 2.58 27.72 -5.49
C ALA E 46 3.06 27.33 -4.05
N THR E 47 3.76 28.27 -3.43
CA THR E 47 4.21 28.02 -2.03
C THR E 47 3.81 29.23 -1.23
N ALA E 48 3.84 29.12 0.10
CA ALA E 48 3.47 30.28 0.95
C ALA E 48 4.56 30.54 1.93
N ARG E 49 4.89 31.82 2.13
CA ARG E 49 5.87 32.25 3.11
C ARG E 49 5.02 32.96 4.17
N ILE E 50 4.99 32.33 5.34
CA ILE E 50 4.10 32.75 6.46
C ILE E 50 4.99 33.28 7.54
N GLU E 51 4.78 34.55 7.90
CA GLU E 51 5.72 35.23 8.90
C GLU E 51 4.84 35.86 9.95
N GLY E 52 5.23 35.48 11.18
CA GLY E 52 4.47 35.92 12.40
C GLY E 52 5.29 36.96 13.17
N HIS E 53 4.53 37.74 13.94
CA HIS E 53 5.07 38.93 14.60
C HIS E 53 4.31 39.18 15.90
N THR E 54 4.99 39.97 16.72
CA THR E 54 4.36 40.41 17.94
C THR E 54 4.48 41.94 18.06
N ASP E 55 3.71 42.47 19.06
CA ASP E 55 4.12 43.75 19.56
C ASP E 55 5.36 43.65 20.51
N ASN E 56 5.84 44.79 21.03
CA ASN E 56 7.10 44.75 21.81
C ASN E 56 6.86 44.62 23.31
N THR E 57 5.68 44.18 23.72
CA THR E 57 5.44 44.00 25.16
C THR E 57 5.95 42.63 25.57
N GLY E 58 6.56 42.52 26.76
CA GLY E 58 7.01 41.17 27.18
C GLY E 58 8.42 40.88 26.81
N PRO E 59 8.97 39.76 27.34
CA PRO E 59 10.35 39.33 27.16
C PRO E 59 10.53 38.76 25.80
N ARG E 60 11.74 38.95 25.34
CA ARG E 60 12.12 38.48 23.98
C ARG E 60 11.77 37.01 23.70
N LYS E 61 12.22 36.08 24.55
CA LYS E 61 12.12 34.68 24.18
C LYS E 61 10.67 34.27 24.06
N LEU E 62 9.84 34.83 24.94
CA LEU E 62 8.45 34.58 24.91
C LEU E 62 7.83 35.06 23.53
N ASN E 63 8.23 36.23 23.11
CA ASN E 63 7.62 36.78 21.86
C ASN E 63 8.25 36.11 20.63
N GLU E 64 9.46 35.66 20.69
CA GLU E 64 9.96 34.71 19.61
C GLU E 64 9.08 33.52 19.48
N ARG E 65 8.74 32.86 20.59
CA ARG E 65 7.79 31.71 20.53
C ARG E 65 6.39 32.05 20.00
N LEU E 66 5.85 33.20 20.41
CA LEU E 66 4.49 33.59 20.14
C LEU E 66 4.40 33.95 18.62
N SER E 67 5.40 34.66 18.16
CA SER E 67 5.37 35.04 16.67
C SER E 67 5.45 33.76 15.84
N LEU E 68 6.27 32.81 16.27
CA LEU E 68 6.34 31.56 15.48
C LEU E 68 5.04 30.79 15.60
N ALA E 69 4.40 30.77 16.79
CA ALA E 69 3.11 30.13 16.96
C ALA E 69 1.98 30.72 16.10
N ARG E 70 2.02 32.05 15.92
CA ARG E 70 1.05 32.72 15.08
C ARG E 70 1.25 32.21 13.59
N ALA E 71 2.48 32.17 13.16
CA ALA E 71 2.71 31.71 11.74
C ALA E 71 2.25 30.25 11.65
N ASN E 72 2.62 29.46 12.66
CA ASN E 72 2.18 28.05 12.65
C ASN E 72 0.72 27.86 12.71
N SER E 73 -0.07 28.79 13.34
CA SER E 73 -1.50 28.62 13.34
C SER E 73 -2.08 28.72 11.96
N VAL E 74 -1.49 29.64 11.16
CA VAL E 74 -1.98 29.79 9.77
C VAL E 74 -1.60 28.56 8.89
N LYS E 75 -0.38 28.06 9.07
CA LYS E 75 0.01 26.83 8.41
C LYS E 75 -0.92 25.69 8.85
N SER E 76 -1.17 25.54 10.15
CA SER E 76 -2.02 24.43 10.61
C SER E 76 -3.43 24.50 10.05
N ALA E 77 -3.98 25.72 9.97
CA ALA E 77 -5.29 25.86 9.40
C ALA E 77 -5.30 25.32 7.96
N LEU E 78 -4.30 25.66 7.16
CA LEU E 78 -4.29 25.20 5.78
C LEU E 78 -4.15 23.66 5.67
N VAL E 79 -3.26 23.15 6.50
CA VAL E 79 -3.00 21.67 6.46
C VAL E 79 -4.18 20.87 7.08
N ASN E 80 -4.64 21.28 8.27
CA ASN E 80 -5.69 20.53 8.97
C ASN E 80 -7.01 20.64 8.23
N GLU E 81 -7.40 21.88 7.80
CA GLU E 81 -8.79 22.11 7.32
C GLU E 81 -8.86 21.86 5.84
N TYR E 82 -7.74 22.11 5.13
CA TYR E 82 -7.80 22.10 3.65
C TYR E 82 -6.87 21.13 2.99
N ASN E 83 -6.15 20.35 3.79
CA ASN E 83 -5.36 19.28 3.30
C ASN E 83 -4.25 19.80 2.41
N VAL E 84 -3.77 21.05 2.61
CA VAL E 84 -2.64 21.51 1.85
C VAL E 84 -1.38 20.75 2.27
N ASP E 85 -0.53 20.42 1.32
CA ASP E 85 0.76 19.82 1.65
C ASP E 85 1.62 20.74 2.49
N ALA E 86 1.95 20.26 3.72
CA ALA E 86 2.68 21.12 4.63
C ALA E 86 3.97 21.62 4.09
N SER E 87 4.59 20.82 3.15
CA SER E 87 5.88 21.19 2.65
C SER E 87 5.88 22.42 1.72
N ARG E 88 4.68 22.82 1.35
CA ARG E 88 4.56 24.01 0.46
C ARG E 88 4.59 25.30 1.27
N LEU E 89 4.66 25.20 2.62
CA LEU E 89 4.33 26.41 3.48
C LEU E 89 5.48 26.55 4.46
N SER E 90 6.11 27.71 4.43
CA SER E 90 7.13 27.94 5.45
C SER E 90 6.57 28.80 6.57
N THR E 91 7.10 28.57 7.78
CA THR E 91 6.68 29.49 8.89
C THR E 91 7.95 30.01 9.59
N GLN E 92 7.88 31.27 10.01
CA GLN E 92 8.98 31.89 10.68
C GLN E 92 8.38 32.97 11.58
N GLY E 93 8.93 33.13 12.81
CA GLY E 93 8.49 34.26 13.65
C GLY E 93 9.63 35.28 13.79
N PHE E 94 9.26 36.57 13.91
CA PHE E 94 10.18 37.71 13.92
C PHE E 94 10.09 38.50 15.24
N ALA E 95 9.37 37.91 16.21
CA ALA E 95 9.08 38.63 17.53
C ALA E 95 8.69 40.08 17.13
N TRP E 96 9.25 41.12 17.79
CA TRP E 96 8.89 42.53 17.55
C TRP E 96 9.83 43.24 16.58
N ASP E 97 10.65 42.52 15.83
CA ASP E 97 11.67 43.13 14.98
C ASP E 97 11.17 43.94 13.75
N GLN E 98 9.94 43.64 13.28
CA GLN E 98 9.41 44.26 12.05
C GLN E 98 8.09 44.88 12.37
N PRO E 99 8.05 45.98 13.19
CA PRO E 99 6.72 46.61 13.44
C PRO E 99 6.16 47.29 12.22
N ILE E 100 4.87 47.32 12.09
CA ILE E 100 4.23 48.11 11.00
C ILE E 100 3.52 49.28 11.57
N ALA E 101 3.63 49.43 12.90
CA ALA E 101 2.83 50.52 13.58
C ALA E 101 3.48 50.84 14.91
N ASP E 102 3.10 52.00 15.51
CA ASP E 102 3.64 52.43 16.81
C ASP E 102 3.27 51.59 18.02
N ASN E 103 4.33 51.02 18.62
CA ASN E 103 4.13 50.13 19.78
C ASN E 103 3.72 50.93 21.02
N LYS E 104 3.82 52.26 20.92
CA LYS E 104 3.38 53.15 22.02
C LYS E 104 1.90 53.25 22.22
N THR E 105 1.12 52.86 21.22
CA THR E 105 -0.27 53.00 21.21
C THR E 105 -1.03 51.63 21.16
N LYS E 106 -2.23 51.55 21.74
CA LYS E 106 -3.13 50.38 21.64
C LYS E 106 -3.36 49.98 20.21
N GLU E 107 -3.70 50.95 19.39
CA GLU E 107 -4.06 50.61 18.01
C GLU E 107 -2.80 50.11 17.29
N GLY E 108 -1.62 50.70 17.56
CA GLY E 108 -0.37 50.32 16.83
C GLY E 108 0.05 48.93 17.27
N ARG E 109 -0.01 48.66 18.57
CA ARG E 109 0.32 47.29 19.02
C ARG E 109 -0.60 46.26 18.37
N ALA E 110 -1.88 46.53 18.20
CA ALA E 110 -2.88 45.63 17.60
C ALA E 110 -2.42 45.34 16.14
N MET E 111 -1.90 46.37 15.49
CA MET E 111 -1.39 46.08 14.11
C MET E 111 -0.18 45.20 14.08
N ASN E 112 0.66 45.29 15.11
CA ASN E 112 1.94 44.58 15.14
C ASN E 112 1.74 43.09 15.48
N ARG E 113 0.65 42.77 16.11
CA ARG E 113 0.33 41.33 16.49
C ARG E 113 -0.38 40.71 15.22
N ARG E 114 0.47 40.08 14.41
CA ARG E 114 -0.01 39.72 13.08
C ARG E 114 0.77 38.57 12.47
N VAL E 115 0.14 38.02 11.40
CA VAL E 115 0.91 37.19 10.43
C VAL E 115 0.69 37.88 9.10
N PHE E 116 1.79 37.95 8.36
CA PHE E 116 1.66 38.28 6.92
C PHE E 116 2.06 36.99 6.20
N ALA E 117 1.25 36.63 5.24
CA ALA E 117 1.65 35.47 4.42
C ALA E 117 1.68 35.90 2.93
N THR E 118 2.68 35.46 2.20
CA THR E 118 2.73 35.81 0.74
C THR E 118 2.68 34.45 0.03
N ILE E 119 1.79 34.34 -0.94
CA ILE E 119 1.58 33.12 -1.72
C ILE E 119 1.95 33.49 -3.16
N THR E 120 2.89 32.74 -3.66
CA THR E 120 3.33 33.03 -5.07
C THR E 120 3.50 31.67 -5.77
N GLY E 121 3.37 31.72 -7.09
CA GLY E 121 3.62 30.55 -7.88
C GLY E 121 3.04 30.75 -9.25
N SER E 122 3.30 29.75 -10.11
CA SER E 122 2.84 29.87 -11.53
C SER E 122 2.26 28.56 -11.92
N ARG E 123 1.40 28.63 -12.95
CA ARG E 123 0.90 27.38 -13.54
C ARG E 123 0.91 27.58 -15.08
N SER F 2 -3.62 -14.98 21.07
CA SER F 2 -4.37 -14.01 20.25
C SER F 2 -5.84 -14.07 20.82
N HIS F 3 -6.85 -13.50 20.18
CA HIS F 3 -8.20 -13.61 20.79
C HIS F 3 -9.01 -14.80 20.21
N MET F 4 -8.33 -15.67 19.45
CA MET F 4 -9.07 -16.67 18.66
C MET F 4 -8.46 -18.05 18.82
N GLU F 5 -9.32 -19.07 18.96
CA GLU F 5 -8.89 -20.50 18.93
C GLU F 5 -9.57 -21.13 17.73
N LEU F 6 -8.84 -21.84 16.90
CA LEU F 6 -9.47 -22.42 15.75
C LEU F 6 -8.85 -23.82 15.55
N THR F 7 -9.68 -24.84 15.48
CA THR F 7 -9.25 -26.25 15.30
C THR F 7 -10.12 -26.80 14.17
N GLU F 8 -9.51 -27.63 13.32
CA GLU F 8 -10.30 -28.47 12.39
C GLU F 8 -9.85 -29.91 12.59
N ASP F 9 -10.82 -30.77 12.79
CA ASP F 9 -10.51 -32.19 13.19
C ASP F 9 -10.91 -33.06 11.96
N LEU F 10 -9.95 -33.85 11.50
CA LEU F 10 -10.14 -34.76 10.35
C LEU F 10 -10.46 -36.15 10.88
N ASN F 11 -11.48 -36.77 10.28
CA ASN F 11 -11.81 -38.20 10.58
C ASN F 11 -12.02 -38.86 9.21
N MET F 12 -11.25 -39.92 8.94
CA MET F 12 -11.51 -40.60 7.62
C MET F 12 -11.43 -42.08 7.92
N GLU F 13 -12.27 -42.82 7.25
CA GLU F 13 -12.15 -44.29 7.35
C GLU F 13 -12.04 -44.81 5.94
N LEU F 14 -11.00 -45.60 5.64
CA LEU F 14 -10.82 -46.18 4.30
C LEU F 14 -11.00 -47.69 4.51
N ARG F 15 -11.80 -48.32 3.66
CA ARG F 15 -12.02 -49.80 3.77
C ARG F 15 -11.59 -50.45 2.49
N VAL F 16 -10.64 -51.39 2.55
CA VAL F 16 -10.12 -52.04 1.35
C VAL F 16 -10.40 -53.54 1.56
N PHE F 17 -10.97 -54.19 0.50
CA PHE F 17 -11.26 -55.65 0.61
C PHE F 17 -10.39 -56.43 -0.35
N PHE F 18 -10.19 -57.70 -0.03
CA PHE F 18 -9.21 -58.51 -0.69
C PHE F 18 -9.85 -59.86 -1.10
N ASP F 19 -9.23 -60.44 -2.12
CA ASP F 19 -9.51 -61.82 -2.48
C ASP F 19 -8.90 -62.85 -1.52
N THR F 20 -9.44 -64.07 -1.51
CA THR F 20 -8.88 -65.12 -0.64
C THR F 20 -7.36 -65.28 -0.84
N ASN F 21 -6.68 -65.36 0.33
CA ASN F 21 -5.23 -65.46 0.46
C ASN F 21 -4.42 -64.42 -0.33
N LYS F 22 -5.05 -63.25 -0.56
CA LYS F 22 -4.31 -62.22 -1.33
C LYS F 22 -4.24 -60.94 -0.43
N SER F 23 -3.19 -60.22 -0.63
CA SER F 23 -2.97 -58.97 0.13
C SER F 23 -2.60 -57.84 -0.77
N ASN F 24 -2.85 -57.95 -2.06
CA ASN F 24 -2.67 -56.86 -2.99
C ASN F 24 -3.85 -55.91 -2.98
N ILE F 25 -3.52 -54.65 -3.19
CA ILE F 25 -4.55 -53.62 -3.33
C ILE F 25 -5.01 -53.50 -4.79
N LYS F 26 -6.28 -53.76 -5.05
CA LYS F 26 -6.82 -53.60 -6.44
C LYS F 26 -6.73 -52.14 -6.83
N ASP F 27 -6.48 -51.92 -8.13
CA ASP F 27 -6.40 -50.53 -8.60
C ASP F 27 -7.66 -49.70 -8.38
N GLN F 28 -8.81 -50.37 -8.26
CA GLN F 28 -10.05 -49.60 -8.02
C GLN F 28 -9.93 -48.76 -6.73
N TYR F 29 -9.00 -49.11 -5.82
CA TYR F 29 -8.91 -48.38 -4.58
C TYR F 29 -7.99 -47.16 -4.64
N LYS F 30 -7.28 -47.01 -5.79
CA LYS F 30 -6.24 -46.00 -5.82
C LYS F 30 -6.77 -44.56 -5.61
N PRO F 31 -7.94 -44.19 -6.18
CA PRO F 31 -8.36 -42.83 -5.88
C PRO F 31 -8.64 -42.58 -4.36
N GLU F 32 -9.13 -43.59 -3.68
CA GLU F 32 -9.44 -43.41 -2.23
C GLU F 32 -8.14 -43.30 -1.50
N ILE F 33 -7.15 -44.15 -1.83
CA ILE F 33 -5.82 -44.02 -1.20
C ILE F 33 -5.24 -42.62 -1.47
N ALA F 34 -5.37 -42.10 -2.71
CA ALA F 34 -4.81 -40.80 -3.04
C ALA F 34 -5.53 -39.74 -2.25
N LYS F 35 -6.85 -39.92 -2.01
CA LYS F 35 -7.59 -38.92 -1.15
C LYS F 35 -7.08 -38.94 0.26
N VAL F 36 -6.76 -40.14 0.75
CA VAL F 36 -6.20 -40.25 2.14
C VAL F 36 -4.86 -39.54 2.16
N ALA F 37 -4.01 -39.73 1.15
CA ALA F 37 -2.77 -39.01 1.14
C ALA F 37 -2.96 -37.51 1.07
N GLU F 38 -3.86 -37.07 0.21
CA GLU F 38 -4.17 -35.63 0.15
C GLU F 38 -4.44 -35.06 1.55
N LYS F 39 -5.36 -35.74 2.25
CA LYS F 39 -5.76 -35.24 3.59
C LYS F 39 -4.61 -35.34 4.59
N LEU F 40 -3.78 -36.37 4.52
CA LEU F 40 -2.56 -36.37 5.30
C LEU F 40 -1.61 -35.25 5.06
N SER F 41 -1.57 -34.73 3.84
CA SER F 41 -0.78 -33.53 3.52
C SER F 41 -1.48 -32.28 4.04
N GLU F 42 -2.80 -32.22 3.91
CA GLU F 42 -3.58 -31.05 4.44
C GLU F 42 -3.54 -30.97 5.97
N TYR F 43 -3.44 -32.12 6.64
CA TYR F 43 -3.44 -32.19 8.12
C TYR F 43 -2.15 -32.91 8.47
N PRO F 44 -1.03 -32.21 8.38
CA PRO F 44 0.29 -32.83 8.57
C PRO F 44 0.48 -33.46 9.89
N ASN F 45 -0.29 -33.19 10.90
CA ASN F 45 -0.17 -33.93 12.17
C ASN F 45 -1.00 -35.19 12.27
N ALA F 46 -1.88 -35.45 11.29
CA ALA F 46 -2.76 -36.60 11.37
C ALA F 46 -1.97 -37.88 11.26
N THR F 47 -2.56 -38.94 11.77
CA THR F 47 -1.91 -40.25 11.76
C THR F 47 -2.94 -41.25 11.33
N ALA F 48 -2.48 -42.46 10.95
CA ALA F 48 -3.44 -43.50 10.53
C ALA F 48 -3.20 -44.75 11.29
N ARG F 49 -4.31 -45.35 11.74
CA ARG F 49 -4.36 -46.67 12.38
C ARG F 49 -4.87 -47.65 11.33
N ILE F 50 -3.98 -48.52 10.85
CA ILE F 50 -4.35 -49.38 9.73
C ILE F 50 -4.46 -50.79 10.33
N GLU F 51 -5.60 -51.42 10.12
CA GLU F 51 -5.88 -52.75 10.73
C GLU F 51 -6.35 -53.72 9.67
N GLY F 52 -5.66 -54.90 9.59
CA GLY F 52 -5.98 -55.89 8.60
C GLY F 52 -6.49 -57.18 9.26
N HIS F 53 -7.33 -57.84 8.48
CA HIS F 53 -8.16 -58.98 8.91
C HIS F 53 -8.26 -60.02 7.83
N THR F 54 -8.70 -61.22 8.29
CA THR F 54 -8.94 -62.32 7.37
C THR F 54 -10.34 -62.92 7.70
N ASP F 55 -10.83 -63.69 6.73
CA ASP F 55 -11.90 -64.60 7.07
C ASP F 55 -11.35 -65.77 7.89
N ASN F 56 -12.20 -66.68 8.29
CA ASN F 56 -11.73 -67.70 9.31
C ASN F 56 -11.33 -69.00 8.71
N THR F 57 -11.10 -69.01 7.40
CA THR F 57 -10.67 -70.21 6.68
C THR F 57 -9.16 -70.30 6.66
N GLY F 58 -8.69 -71.52 6.83
CA GLY F 58 -7.22 -71.78 6.78
C GLY F 58 -6.56 -71.76 8.11
N PRO F 59 -5.22 -71.99 8.11
CA PRO F 59 -4.41 -72.09 9.32
C PRO F 59 -4.20 -70.78 10.13
N ARG F 60 -4.07 -70.84 11.45
CA ARG F 60 -4.04 -69.65 12.29
C ARG F 60 -2.88 -68.69 12.02
N LYS F 61 -1.63 -69.18 12.07
CA LYS F 61 -0.53 -68.27 11.93
C LYS F 61 -0.47 -67.74 10.50
N LEU F 62 -0.79 -68.58 9.51
CA LEU F 62 -0.91 -68.16 8.13
C LEU F 62 -1.82 -66.88 8.04
N ASN F 63 -2.93 -66.93 8.77
CA ASN F 63 -3.91 -65.80 8.71
C ASN F 63 -3.52 -64.67 9.62
N GLU F 64 -2.78 -64.92 10.73
CA GLU F 64 -2.16 -63.79 11.43
C GLU F 64 -1.25 -63.03 10.46
N ARG F 65 -0.41 -63.75 9.76
CA ARG F 65 0.49 -63.11 8.82
C ARG F 65 -0.22 -62.38 7.66
N LEU F 66 -1.25 -63.00 7.10
CA LEU F 66 -2.01 -62.47 6.01
C LEU F 66 -2.70 -61.13 6.50
N SER F 67 -3.33 -61.17 7.65
CA SER F 67 -4.00 -59.94 8.18
C SER F 67 -2.98 -58.81 8.23
N LEU F 68 -1.78 -59.01 8.79
CA LEU F 68 -0.83 -57.92 8.88
C LEU F 68 -0.30 -57.56 7.46
N ALA F 69 -0.13 -58.50 6.50
CA ALA F 69 0.34 -58.14 5.19
C ALA F 69 -0.66 -57.23 4.50
N ARG F 70 -1.94 -57.48 4.75
CA ARG F 70 -2.97 -56.61 4.13
C ARG F 70 -2.82 -55.20 4.69
N ALA F 71 -2.66 -55.06 6.03
CA ALA F 71 -2.49 -53.69 6.59
C ALA F 71 -1.21 -53.06 6.00
N ASN F 72 -0.12 -53.88 5.88
CA ASN F 72 1.12 -53.29 5.35
C ASN F 72 1.07 -52.85 3.93
N SER F 73 0.15 -53.49 3.15
CA SER F 73 0.00 -53.10 1.73
C SER F 73 -0.54 -51.68 1.62
N VAL F 74 -1.51 -51.37 2.55
CA VAL F 74 -2.00 -49.99 2.58
C VAL F 74 -0.93 -49.00 3.02
N LYS F 75 -0.20 -49.41 4.09
CA LYS F 75 0.88 -48.49 4.58
C LYS F 75 1.89 -48.33 3.43
N SER F 76 2.22 -49.43 2.75
CA SER F 76 3.24 -49.35 1.66
C SER F 76 2.82 -48.43 0.52
N ALA F 77 1.52 -48.47 0.18
CA ALA F 77 1.03 -47.57 -0.85
C ALA F 77 1.23 -46.08 -0.47
N LEU F 78 0.83 -45.79 0.76
CA LEU F 78 0.95 -44.41 1.20
C LEU F 78 2.37 -43.93 1.28
N VAL F 79 3.25 -44.83 1.73
CA VAL F 79 4.67 -44.44 1.91
C VAL F 79 5.34 -44.32 0.59
N ASN F 80 5.21 -45.33 -0.25
CA ASN F 80 6.07 -45.40 -1.43
C ASN F 80 5.50 -44.68 -2.64
N GLU F 81 4.17 -44.72 -2.82
CA GLU F 81 3.54 -43.97 -3.93
C GLU F 81 3.22 -42.55 -3.58
N TYR F 82 2.95 -42.24 -2.27
CA TYR F 82 2.48 -40.88 -1.90
C TYR F 82 3.44 -40.15 -0.96
N ASN F 83 4.60 -40.77 -0.71
CA ASN F 83 5.62 -40.19 0.16
C ASN F 83 5.17 -39.74 1.51
N VAL F 84 4.18 -40.46 2.05
CA VAL F 84 3.78 -40.19 3.44
C VAL F 84 4.85 -40.74 4.36
N ASP F 85 5.22 -39.97 5.40
CA ASP F 85 6.20 -40.47 6.37
C ASP F 85 5.68 -41.73 7.06
N ALA F 86 6.42 -42.83 6.99
CA ALA F 86 5.96 -44.06 7.54
C ALA F 86 5.65 -44.04 9.02
N SER F 87 6.35 -43.14 9.73
CA SER F 87 6.12 -43.03 11.18
C SER F 87 4.76 -42.52 11.56
N ARG F 88 4.02 -41.94 10.61
CA ARG F 88 2.67 -41.49 10.86
C ARG F 88 1.64 -42.61 10.80
N LEU F 89 2.11 -43.85 10.45
CA LEU F 89 1.16 -44.91 10.09
C LEU F 89 1.45 -46.15 10.89
N SER F 90 0.44 -46.67 11.58
CA SER F 90 0.67 -47.93 12.29
C SER F 90 -0.06 -49.05 11.55
N THR F 91 0.45 -50.26 11.69
CA THR F 91 -0.24 -51.41 11.02
C THR F 91 -0.35 -52.54 12.03
N GLN F 92 -1.46 -53.27 11.98
CA GLN F 92 -1.63 -54.38 12.93
C GLN F 92 -2.55 -55.34 12.22
N GLY F 93 -2.28 -56.63 12.38
CA GLY F 93 -3.28 -57.61 11.88
C GLY F 93 -3.96 -58.36 13.01
N PHE F 94 -5.22 -58.80 12.75
CA PHE F 94 -6.03 -59.43 13.81
C PHE F 94 -6.49 -60.86 13.44
N ALA F 95 -5.89 -61.38 12.42
CA ALA F 95 -6.30 -62.66 11.79
C ALA F 95 -7.82 -62.61 11.70
N TRP F 96 -8.51 -63.68 12.12
CA TRP F 96 -9.96 -63.73 12.09
C TRP F 96 -10.66 -63.40 13.41
N ASP F 97 -9.99 -62.70 14.33
CA ASP F 97 -10.57 -62.40 15.67
C ASP F 97 -11.63 -61.32 15.72
N GLN F 98 -11.75 -60.48 14.66
CA GLN F 98 -12.75 -59.37 14.72
C GLN F 98 -13.53 -59.40 13.42
N PRO F 99 -14.36 -60.44 13.23
CA PRO F 99 -15.23 -60.44 12.05
C PRO F 99 -16.18 -59.28 12.11
N ILE F 100 -16.48 -58.79 10.92
CA ILE F 100 -17.56 -57.87 10.78
C ILE F 100 -18.77 -58.49 10.19
N ALA F 101 -18.65 -59.72 9.69
CA ALA F 101 -19.66 -60.44 9.01
C ALA F 101 -19.58 -61.94 9.37
N ASP F 102 -20.62 -62.67 9.04
CA ASP F 102 -20.69 -64.09 9.28
C ASP F 102 -19.86 -64.90 8.32
N ASN F 103 -18.81 -65.59 8.84
CA ASN F 103 -17.97 -66.40 7.97
C ASN F 103 -18.64 -67.63 7.33
N LYS F 104 -19.89 -67.87 7.75
CA LYS F 104 -20.63 -69.00 7.17
C LYS F 104 -21.15 -68.78 5.74
N THR F 105 -21.09 -67.53 5.22
CA THR F 105 -21.47 -67.27 3.83
C THR F 105 -20.28 -66.73 3.06
N LYS F 106 -20.31 -66.93 1.75
CA LYS F 106 -19.30 -66.42 0.87
C LYS F 106 -19.25 -64.88 0.97
N GLU F 107 -20.44 -64.25 1.12
CA GLU F 107 -20.47 -62.81 1.22
C GLU F 107 -19.85 -62.33 2.51
N GLY F 108 -20.12 -63.06 3.60
CA GLY F 108 -19.61 -62.68 4.97
C GLY F 108 -18.09 -62.82 4.93
N ARG F 109 -17.59 -63.93 4.34
CA ARG F 109 -16.13 -64.16 4.27
C ARG F 109 -15.49 -62.99 3.51
N ALA F 110 -16.15 -62.54 2.40
CA ALA F 110 -15.59 -61.52 1.52
C ALA F 110 -15.52 -60.21 2.32
N MET F 111 -16.51 -59.91 3.10
CA MET F 111 -16.49 -58.69 3.92
C MET F 111 -15.43 -58.77 5.01
N ASN F 112 -15.06 -59.98 5.44
CA ASN F 112 -14.10 -60.07 6.55
C ASN F 112 -12.69 -59.93 6.05
N ARG F 113 -12.42 -60.17 4.75
CA ARG F 113 -11.05 -60.04 4.18
C ARG F 113 -10.82 -58.56 3.87
N ARG F 114 -10.28 -57.87 4.85
CA ARG F 114 -10.36 -56.39 4.76
C ARG F 114 -9.24 -55.69 5.49
N VAL F 115 -9.06 -54.43 5.14
CA VAL F 115 -8.25 -53.52 5.94
C VAL F 115 -9.12 -52.34 6.22
N PHE F 116 -9.19 -51.92 7.46
CA PHE F 116 -9.89 -50.61 7.71
C PHE F 116 -8.80 -49.69 8.21
N ALA F 117 -8.65 -48.53 7.62
CA ALA F 117 -7.64 -47.57 8.05
C ALA F 117 -8.34 -46.38 8.58
N THR F 118 -8.00 -45.96 9.80
CA THR F 118 -8.79 -44.82 10.40
C THR F 118 -7.77 -43.73 10.52
N ILE F 119 -8.12 -42.61 9.96
CA ILE F 119 -7.19 -41.43 9.94
C ILE F 119 -7.78 -40.39 10.85
N THR F 120 -6.97 -39.87 11.78
CA THR F 120 -7.50 -38.84 12.75
C THR F 120 -6.41 -37.81 12.82
N GLY F 121 -6.83 -36.60 13.20
CA GLY F 121 -5.81 -35.57 13.52
C GLY F 121 -6.47 -34.21 13.40
N SER F 122 -5.75 -33.19 13.80
CA SER F 122 -6.31 -31.83 13.83
C SER F 122 -5.29 -30.91 13.20
N ARG F 123 -5.78 -29.75 12.73
CA ARG F 123 -4.91 -28.62 12.32
C ARG F 123 -5.47 -27.32 12.86
N SER G 2 -19.61 -47.00 -1.78
CA SER G 2 -18.43 -46.19 -1.35
C SER G 2 -17.63 -47.06 -0.34
N HIS G 3 -16.30 -46.91 -0.40
CA HIS G 3 -15.41 -47.56 0.58
C HIS G 3 -14.59 -46.54 1.38
N MET G 4 -15.00 -45.29 1.37
CA MET G 4 -14.18 -44.33 2.17
C MET G 4 -15.13 -43.19 2.55
N GLU G 5 -15.15 -42.81 3.81
CA GLU G 5 -15.84 -41.54 4.19
C GLU G 5 -14.84 -40.64 4.88
N LEU G 6 -15.13 -39.35 4.84
CA LEU G 6 -14.22 -38.31 5.33
C LEU G 6 -15.15 -37.25 5.91
N THR G 7 -14.81 -36.85 7.11
CA THR G 7 -15.44 -35.56 7.65
C THR G 7 -14.40 -34.66 8.23
N GLU G 8 -14.76 -33.37 8.29
CA GLU G 8 -13.80 -32.38 8.92
C GLU G 8 -14.69 -31.59 9.86
N ASP G 9 -14.35 -31.48 11.09
CA ASP G 9 -15.18 -30.72 12.06
C ASP G 9 -14.46 -29.39 12.41
N LEU G 10 -15.19 -28.27 12.34
CA LEU G 10 -14.63 -26.95 12.61
C LEU G 10 -15.03 -26.58 14.06
N ASN G 11 -14.10 -26.08 14.82
CA ASN G 11 -14.44 -25.52 16.16
C ASN G 11 -13.65 -24.29 16.33
N MET G 12 -14.35 -23.20 16.56
CA MET G 12 -13.56 -21.97 16.70
C MET G 12 -14.16 -21.21 17.87
N GLU G 13 -13.30 -20.49 18.57
CA GLU G 13 -13.78 -19.51 19.57
C GLU G 13 -13.22 -18.13 19.28
N LEU G 14 -14.07 -17.10 19.26
CA LEU G 14 -13.60 -15.71 19.05
C LEU G 14 -13.96 -14.95 20.35
N ARG G 15 -13.03 -14.12 20.89
CA ARG G 15 -13.26 -13.30 22.07
C ARG G 15 -13.01 -11.89 21.63
N VAL G 16 -13.97 -11.00 21.87
CA VAL G 16 -13.77 -9.60 21.50
C VAL G 16 -14.07 -8.82 22.78
N PHE G 17 -13.20 -7.87 23.12
CA PHE G 17 -13.36 -7.06 24.40
C PHE G 17 -13.72 -5.64 24.11
N PHE G 18 -14.41 -5.00 25.09
CA PHE G 18 -14.98 -3.70 24.84
C PHE G 18 -14.65 -2.75 25.99
N ASP G 19 -14.66 -1.46 25.65
CA ASP G 19 -14.51 -0.47 26.70
C ASP G 19 -15.85 -0.20 27.41
N THR G 20 -15.75 0.43 28.59
CA THR G 20 -16.88 0.65 29.48
C THR G 20 -18.00 1.38 28.73
N ASN G 21 -19.21 0.79 28.81
CA ASN G 21 -20.46 1.38 28.25
C ASN G 21 -20.36 1.50 26.71
N LYS G 22 -19.45 0.73 26.05
CA LYS G 22 -19.38 0.78 24.61
C LYS G 22 -19.53 -0.56 23.96
N SER G 23 -19.96 -0.55 22.71
CA SER G 23 -20.25 -1.77 21.99
C SER G 23 -19.54 -1.77 20.61
N ASN G 24 -18.56 -0.87 20.41
CA ASN G 24 -17.86 -0.82 19.13
C ASN G 24 -16.85 -2.02 19.05
N ILE G 25 -16.66 -2.48 17.82
CA ILE G 25 -15.55 -3.45 17.60
C ILE G 25 -14.25 -2.62 17.26
N LYS G 26 -13.24 -2.71 18.14
CA LYS G 26 -11.97 -1.97 17.92
C LYS G 26 -11.21 -2.62 16.74
N ASP G 27 -10.46 -1.80 16.04
CA ASP G 27 -9.77 -2.24 14.82
C ASP G 27 -8.98 -3.51 15.01
N GLN G 28 -8.37 -3.72 16.19
CA GLN G 28 -7.47 -4.86 16.29
C GLN G 28 -8.22 -6.17 16.22
N TYR G 29 -9.56 -6.11 16.34
CA TYR G 29 -10.32 -7.43 16.30
C TYR G 29 -10.71 -7.80 14.93
N LYS G 30 -10.55 -6.93 13.94
CA LYS G 30 -11.07 -7.20 12.62
C LYS G 30 -10.41 -8.50 12.00
N PRO G 31 -9.09 -8.76 12.22
CA PRO G 31 -8.54 -9.94 11.55
C PRO G 31 -9.14 -11.22 12.08
N GLU G 32 -9.48 -11.27 13.36
CA GLU G 32 -10.08 -12.48 13.89
C GLU G 32 -11.50 -12.69 13.40
N ILE G 33 -12.23 -11.58 13.29
CA ILE G 33 -13.60 -11.65 12.73
C ILE G 33 -13.47 -12.04 11.27
N ALA G 34 -12.49 -11.54 10.52
CA ALA G 34 -12.34 -11.94 9.14
C ALA G 34 -12.09 -13.49 9.10
N LYS G 35 -11.29 -13.99 10.04
CA LYS G 35 -11.01 -15.43 10.02
C LYS G 35 -12.24 -16.28 10.26
N VAL G 36 -13.08 -15.79 11.16
CA VAL G 36 -14.34 -16.49 11.35
C VAL G 36 -15.14 -16.50 10.04
N ALA G 37 -15.21 -15.37 9.30
CA ALA G 37 -16.00 -15.33 8.09
C ALA G 37 -15.40 -16.27 7.10
N GLU G 38 -14.10 -16.34 7.06
CA GLU G 38 -13.44 -17.27 6.09
C GLU G 38 -13.80 -18.73 6.39
N LYS G 39 -13.74 -19.11 7.67
CA LYS G 39 -14.06 -20.53 8.01
C LYS G 39 -15.55 -20.83 7.82
N LEU G 40 -16.40 -19.82 8.04
CA LEU G 40 -17.86 -20.02 7.76
C LEU G 40 -18.07 -20.19 6.22
N SER G 41 -17.30 -19.54 5.40
CA SER G 41 -17.40 -19.71 3.96
C SER G 41 -16.92 -21.14 3.58
N GLU G 42 -15.92 -21.65 4.30
CA GLU G 42 -15.33 -22.98 4.02
C GLU G 42 -16.24 -24.12 4.47
N TYR G 43 -17.08 -23.88 5.50
CA TYR G 43 -17.95 -24.90 6.05
C TYR G 43 -19.37 -24.33 5.98
N PRO G 44 -20.04 -24.54 4.88
CA PRO G 44 -21.43 -24.01 4.66
C PRO G 44 -22.42 -24.40 5.70
N ASN G 45 -22.23 -25.50 6.42
CA ASN G 45 -23.18 -25.84 7.49
C ASN G 45 -22.82 -25.31 8.82
N ALA G 46 -21.73 -24.54 8.92
CA ALA G 46 -21.31 -24.11 10.23
C ALA G 46 -22.13 -22.85 10.61
N THR G 47 -22.21 -22.61 11.91
CA THR G 47 -22.98 -21.49 12.49
C THR G 47 -22.17 -20.94 13.63
N ALA G 48 -22.58 -19.75 14.07
CA ALA G 48 -21.93 -19.13 15.23
C ALA G 48 -23.00 -18.81 16.26
N ARG G 49 -22.63 -19.00 17.51
CA ARG G 49 -23.47 -18.67 18.73
C ARG G 49 -22.65 -17.48 19.31
N ILE G 50 -23.19 -16.27 19.18
CA ILE G 50 -22.47 -15.02 19.60
C ILE G 50 -23.09 -14.54 20.92
N GLU G 51 -22.28 -14.45 21.95
CA GLU G 51 -22.83 -14.21 23.31
C GLU G 51 -22.14 -13.01 23.92
N GLY G 52 -22.95 -11.98 24.25
CA GLY G 52 -22.33 -10.75 24.84
C GLY G 52 -22.57 -10.63 26.33
N HIS G 53 -21.68 -9.82 26.92
CA HIS G 53 -21.51 -9.75 28.39
C HIS G 53 -21.09 -8.37 28.79
N THR G 54 -21.37 -8.03 30.03
CA THR G 54 -20.91 -6.78 30.62
C THR G 54 -20.22 -7.08 31.97
N ASP G 55 -19.45 -6.06 32.39
CA ASP G 55 -19.09 -6.05 33.84
C ASP G 55 -20.32 -5.74 34.66
N ASN G 56 -20.17 -5.82 36.00
CA ASN G 56 -21.41 -5.61 36.81
C ASN G 56 -21.63 -4.16 37.28
N THR G 57 -21.01 -3.17 36.64
CA THR G 57 -21.28 -1.77 36.92
C THR G 57 -22.49 -1.23 36.23
N GLY G 58 -23.31 -0.49 37.00
CA GLY G 58 -24.36 0.25 36.38
C GLY G 58 -25.68 -0.56 36.43
N PRO G 59 -26.75 0.04 35.92
CA PRO G 59 -28.07 -0.59 36.20
C PRO G 59 -28.33 -1.90 35.43
N ARG G 60 -29.20 -2.76 35.96
CA ARG G 60 -29.44 -4.05 35.34
C ARG G 60 -29.93 -3.97 33.89
N LYS G 61 -30.98 -3.16 33.59
CA LYS G 61 -31.52 -3.17 32.22
C LYS G 61 -30.56 -2.60 31.18
N LEU G 62 -29.81 -1.57 31.60
CA LEU G 62 -28.77 -1.00 30.71
C LEU G 62 -27.78 -2.14 30.36
N ASN G 63 -27.44 -2.94 31.32
CA ASN G 63 -26.39 -4.01 31.02
C ASN G 63 -27.02 -5.17 30.26
N GLU G 64 -28.28 -5.52 30.50
CA GLU G 64 -28.90 -6.45 29.60
C GLU G 64 -28.81 -6.01 28.14
N ARG G 65 -29.24 -4.75 27.92
CA ARG G 65 -29.26 -4.17 26.58
C ARG G 65 -27.82 -4.05 26.02
N LEU G 66 -26.87 -3.63 26.84
CA LEU G 66 -25.45 -3.40 26.34
C LEU G 66 -24.84 -4.80 25.97
N SER G 67 -25.11 -5.84 26.75
CA SER G 67 -24.54 -7.16 26.43
C SER G 67 -25.09 -7.61 25.09
N LEU G 68 -26.39 -7.39 24.82
CA LEU G 68 -26.96 -7.81 23.54
C LEU G 68 -26.41 -6.91 22.45
N ALA G 69 -26.27 -5.58 22.68
CA ALA G 69 -25.73 -4.74 21.61
C ALA G 69 -24.30 -5.19 21.26
N ARG G 70 -23.52 -5.63 22.29
CA ARG G 70 -22.17 -6.13 21.96
C ARG G 70 -22.22 -7.36 21.04
N ALA G 71 -23.12 -8.30 21.33
CA ALA G 71 -23.19 -9.51 20.50
C ALA G 71 -23.68 -9.10 19.08
N ASN G 72 -24.65 -8.15 19.03
CA ASN G 72 -25.13 -7.67 17.77
C ASN G 72 -24.12 -6.92 16.97
N SER G 73 -23.14 -6.26 17.64
CA SER G 73 -22.13 -5.57 16.90
C SER G 73 -21.17 -6.54 16.21
N VAL G 74 -20.83 -7.62 16.93
CA VAL G 74 -20.05 -8.73 16.30
C VAL G 74 -20.79 -9.31 15.10
N LYS G 75 -22.08 -9.66 15.29
CA LYS G 75 -22.89 -10.09 14.18
C LYS G 75 -22.90 -9.11 13.00
N SER G 76 -23.11 -7.84 13.31
CA SER G 76 -23.10 -6.80 12.30
C SER G 76 -21.78 -6.75 11.54
N ALA G 77 -20.68 -6.92 12.24
CA ALA G 77 -19.42 -6.90 11.54
C ALA G 77 -19.40 -8.08 10.56
N LEU G 78 -19.79 -9.26 11.03
CA LEU G 78 -19.71 -10.37 10.14
C LEU G 78 -20.60 -10.21 8.91
N VAL G 79 -21.86 -9.78 9.13
CA VAL G 79 -22.86 -9.63 8.06
C VAL G 79 -22.44 -8.51 7.10
N ASN G 80 -22.10 -7.37 7.63
CA ASN G 80 -21.88 -6.16 6.80
C ASN G 80 -20.46 -6.05 6.25
N GLU G 81 -19.45 -6.35 7.06
CA GLU G 81 -18.03 -6.23 6.55
C GLU G 81 -17.56 -7.49 5.79
N TYR G 82 -18.10 -8.64 6.14
CA TYR G 82 -17.63 -9.93 5.60
C TYR G 82 -18.67 -10.74 4.90
N ASN G 83 -19.87 -10.16 4.67
CA ASN G 83 -20.93 -10.81 3.89
C ASN G 83 -21.38 -12.20 4.34
N VAL G 84 -21.36 -12.45 5.68
CA VAL G 84 -21.82 -13.72 6.19
C VAL G 84 -23.33 -13.68 6.25
N ASP G 85 -24.01 -14.78 5.96
CA ASP G 85 -25.45 -14.78 6.03
C ASP G 85 -25.93 -14.72 7.48
N ALA G 86 -26.76 -13.74 7.81
CA ALA G 86 -27.18 -13.51 9.19
C ALA G 86 -27.93 -14.65 9.81
N SER G 87 -28.56 -15.52 8.95
CA SER G 87 -29.33 -16.61 9.46
C SER G 87 -28.44 -17.77 9.98
N ARG G 88 -27.13 -17.64 9.83
CA ARG G 88 -26.18 -18.57 10.38
C ARG G 88 -25.64 -18.11 11.72
N LEU G 89 -26.14 -16.98 12.26
CA LEU G 89 -25.55 -16.34 13.42
C LEU G 89 -26.63 -16.06 14.47
N SER G 90 -26.45 -16.51 15.67
CA SER G 90 -27.38 -16.17 16.77
C SER G 90 -26.70 -15.15 17.67
N THR G 91 -27.55 -14.34 18.36
CA THR G 91 -26.95 -13.39 19.33
C THR G 91 -27.79 -13.43 20.59
N GLN G 92 -27.13 -13.27 21.71
CA GLN G 92 -27.76 -13.34 23.01
C GLN G 92 -26.88 -12.50 23.92
N GLY G 93 -27.51 -11.73 24.82
CA GLY G 93 -26.81 -11.01 25.87
C GLY G 93 -27.06 -11.63 27.22
N PHE G 94 -26.04 -11.63 28.09
CA PHE G 94 -26.17 -12.21 29.39
C PHE G 94 -25.93 -11.22 30.50
N ALA G 95 -25.98 -9.90 30.17
CA ALA G 95 -25.66 -8.87 31.14
C ALA G 95 -24.38 -9.25 31.91
N TRP G 96 -24.42 -9.18 33.24
CA TRP G 96 -23.24 -9.51 34.05
C TRP G 96 -23.30 -10.91 34.67
N ASP G 97 -24.19 -11.74 34.12
CA ASP G 97 -24.49 -13.04 34.79
C ASP G 97 -23.43 -14.10 34.60
N GLN G 98 -22.52 -13.92 33.63
CA GLN G 98 -21.48 -14.98 33.37
C GLN G 98 -20.07 -14.37 33.40
N PRO G 99 -19.62 -13.88 34.55
CA PRO G 99 -18.33 -13.31 34.59
C PRO G 99 -17.25 -14.38 34.40
N ILE G 100 -16.17 -13.95 33.79
CA ILE G 100 -14.94 -14.84 33.73
C ILE G 100 -13.83 -14.28 34.63
N ALA G 101 -14.08 -13.14 35.24
CA ALA G 101 -13.11 -12.47 36.15
C ALA G 101 -13.81 -11.76 37.24
N ASP G 102 -13.09 -11.44 38.30
CA ASP G 102 -13.70 -10.74 39.42
C ASP G 102 -13.94 -9.26 39.08
N ASN G 103 -15.20 -8.83 39.17
CA ASN G 103 -15.49 -7.43 38.97
C ASN G 103 -14.93 -6.34 39.96
N LYS G 104 -14.22 -6.82 41.01
CA LYS G 104 -13.65 -5.93 41.98
C LYS G 104 -12.43 -5.15 41.49
N THR G 105 -11.82 -5.57 40.36
CA THR G 105 -10.59 -4.98 39.81
C THR G 105 -10.87 -4.34 38.41
N LYS G 106 -10.16 -3.28 38.03
CA LYS G 106 -10.19 -2.73 36.64
C LYS G 106 -9.93 -3.83 35.64
N GLU G 107 -8.92 -4.65 35.88
CA GLU G 107 -8.55 -5.63 34.97
C GLU G 107 -9.60 -6.75 34.81
N GLY G 108 -10.25 -7.13 35.94
CA GLY G 108 -11.24 -8.18 35.90
C GLY G 108 -12.54 -7.68 35.19
N ARG G 109 -12.88 -6.45 35.40
CA ARG G 109 -14.08 -5.85 34.74
C ARG G 109 -13.78 -5.80 33.27
N ALA G 110 -12.55 -5.47 32.90
CA ALA G 110 -12.19 -5.49 31.47
C ALA G 110 -12.38 -6.84 30.78
N MET G 111 -12.00 -7.89 31.48
CA MET G 111 -12.14 -9.21 30.91
C MET G 111 -13.65 -9.60 30.80
N ASN G 112 -14.53 -9.03 31.64
CA ASN G 112 -15.91 -9.41 31.60
C ASN G 112 -16.69 -8.65 30.51
N ARG G 113 -16.12 -7.51 30.06
CA ARG G 113 -16.73 -6.76 28.96
C ARG G 113 -16.38 -7.37 27.63
N ARG G 114 -17.17 -8.36 27.23
CA ARG G 114 -16.74 -9.16 26.10
C ARG G 114 -17.85 -9.74 25.32
N VAL G 115 -17.48 -10.22 24.11
CA VAL G 115 -18.33 -11.14 23.43
C VAL G 115 -17.48 -12.41 23.23
N PHE G 116 -18.12 -13.55 23.44
CA PHE G 116 -17.53 -14.86 23.11
C PHE G 116 -18.40 -15.43 22.00
N ALA G 117 -17.78 -15.87 20.91
CA ALA G 117 -18.54 -16.48 19.82
C ALA G 117 -17.98 -17.89 19.64
N THR G 118 -18.88 -18.86 19.55
CA THR G 118 -18.47 -20.26 19.36
C THR G 118 -18.98 -20.62 17.97
N ILE G 119 -18.09 -21.10 17.12
CA ILE G 119 -18.39 -21.42 15.73
C ILE G 119 -18.18 -22.91 15.64
N THR G 120 -19.18 -23.61 15.12
CA THR G 120 -18.99 -25.09 14.96
C THR G 120 -19.71 -25.50 13.70
N GLY G 121 -19.29 -26.66 13.16
CA GLY G 121 -19.79 -27.04 11.88
C GLY G 121 -18.94 -28.19 11.39
N SER G 122 -19.44 -28.88 10.40
CA SER G 122 -18.61 -30.02 9.77
C SER G 122 -18.80 -29.95 8.29
N ARG G 123 -17.90 -30.58 7.52
CA ARG G 123 -18.11 -30.75 6.11
C ARG G 123 -17.62 -32.13 5.67
N HIS H 3 -8.34 41.85 4.22
CA HIS H 3 -7.15 41.23 4.82
C HIS H 3 -6.52 40.30 3.83
N MET H 4 -6.89 40.42 2.56
CA MET H 4 -6.22 39.56 1.52
C MET H 4 -6.44 40.27 0.21
N GLU H 5 -5.40 40.26 -0.61
CA GLU H 5 -5.51 40.69 -2.01
C GLU H 5 -4.79 39.66 -2.85
N LEU H 6 -5.20 39.58 -4.12
CA LEU H 6 -4.50 38.66 -4.98
C LEU H 6 -4.62 39.18 -6.41
N THR H 7 -3.61 38.76 -7.11
CA THR H 7 -3.56 39.06 -8.55
C THR H 7 -3.14 37.81 -9.27
N GLU H 8 -3.59 37.73 -10.55
CA GLU H 8 -3.13 36.61 -11.40
C GLU H 8 -2.75 37.29 -12.74
N ASP H 9 -1.56 36.96 -13.20
CA ASP H 9 -0.98 37.65 -14.40
C ASP H 9 -0.87 36.64 -15.49
N LEU H 10 -1.41 36.93 -16.69
CA LEU H 10 -1.31 36.06 -17.88
C LEU H 10 -0.20 36.46 -18.79
N ASN H 11 0.68 35.54 -19.15
CA ASN H 11 1.64 35.81 -20.24
C ASN H 11 1.58 34.65 -21.18
N MET H 12 1.36 34.91 -22.44
CA MET H 12 1.29 33.75 -23.36
C MET H 12 2.04 34.10 -24.65
N GLU H 13 2.68 33.14 -25.28
CA GLU H 13 3.25 33.43 -26.64
C GLU H 13 2.69 32.36 -27.58
N LEU H 14 1.88 32.77 -28.58
CA LEU H 14 1.33 31.89 -29.67
C LEU H 14 2.34 31.87 -30.86
N ARG H 15 2.64 30.69 -31.42
CA ARG H 15 3.58 30.64 -32.51
C ARG H 15 2.88 29.84 -33.62
N VAL H 16 2.63 30.46 -34.79
CA VAL H 16 1.92 29.84 -35.90
C VAL H 16 2.84 29.89 -37.11
N PHE H 17 2.96 28.79 -37.85
CA PHE H 17 3.90 28.69 -38.96
C PHE H 17 3.16 28.49 -40.30
N PHE H 18 3.88 28.86 -41.39
CA PHE H 18 3.16 28.99 -42.66
C PHE H 18 3.97 28.36 -43.75
N ASP H 19 3.24 27.94 -44.78
CA ASP H 19 4.00 27.43 -45.98
C ASP H 19 4.42 28.63 -46.82
N THR H 20 5.38 28.35 -47.72
CA THR H 20 5.96 29.40 -48.57
C THR H 20 4.85 30.09 -49.36
N ASN H 21 4.91 31.44 -49.28
CA ASN H 21 4.00 32.36 -49.93
C ASN H 21 2.55 32.23 -49.59
N LYS H 22 2.29 31.62 -48.43
CA LYS H 22 0.95 31.50 -48.01
C LYS H 22 0.69 32.15 -46.69
N SER H 23 -0.54 32.57 -46.50
CA SER H 23 -0.95 33.13 -45.18
C SER H 23 -2.22 32.50 -44.59
N ASN H 24 -2.56 31.26 -45.04
CA ASN H 24 -3.68 30.58 -44.42
C ASN H 24 -3.21 29.94 -43.08
N ILE H 25 -4.19 29.72 -42.22
CA ILE H 25 -3.93 29.06 -40.91
C ILE H 25 -4.13 27.53 -41.14
N LYS H 26 -3.05 26.82 -40.98
CA LYS H 26 -3.08 25.36 -41.13
C LYS H 26 -3.83 24.77 -39.95
N ASP H 27 -4.59 23.68 -40.20
CA ASP H 27 -5.46 23.20 -39.15
C ASP H 27 -4.68 22.80 -37.87
N GLN H 28 -3.44 22.34 -37.99
CA GLN H 28 -2.65 21.95 -36.83
C GLN H 28 -2.47 23.09 -35.78
N TYR H 29 -2.66 24.34 -36.21
CA TYR H 29 -2.48 25.49 -35.30
C TYR H 29 -3.75 25.92 -34.66
N LYS H 30 -4.89 25.29 -35.01
CA LYS H 30 -6.16 25.70 -34.41
C LYS H 30 -6.21 25.47 -32.88
N PRO H 31 -5.71 24.32 -32.37
CA PRO H 31 -5.74 24.16 -30.90
C PRO H 31 -5.06 25.27 -30.14
N GLU H 32 -3.93 25.79 -30.65
CA GLU H 32 -3.22 26.83 -29.85
C GLU H 32 -3.99 28.17 -30.01
N ILE H 33 -4.59 28.39 -31.17
CA ILE H 33 -5.44 29.57 -31.33
C ILE H 33 -6.64 29.53 -30.42
N ALA H 34 -7.27 28.34 -30.29
CA ALA H 34 -8.41 28.19 -29.43
C ALA H 34 -8.03 28.43 -27.94
N LYS H 35 -6.83 28.03 -27.60
CA LYS H 35 -6.36 28.20 -26.19
C LYS H 35 -6.11 29.69 -25.93
N VAL H 36 -5.54 30.37 -26.92
CA VAL H 36 -5.44 31.84 -26.77
C VAL H 36 -6.82 32.49 -26.63
N ALA H 37 -7.81 32.13 -27.42
CA ALA H 37 -9.10 32.73 -27.25
C ALA H 37 -9.70 32.44 -25.82
N GLU H 38 -9.47 31.24 -25.35
CA GLU H 38 -9.97 30.89 -24.01
C GLU H 38 -9.31 31.82 -22.94
N LYS H 39 -8.01 31.98 -23.04
CA LYS H 39 -7.32 32.80 -22.01
C LYS H 39 -7.70 34.28 -22.15
N LEU H 40 -8.00 34.73 -23.40
CA LEU H 40 -8.48 36.09 -23.53
C LEU H 40 -9.85 36.29 -22.94
N SER H 41 -10.68 35.23 -22.94
CA SER H 41 -12.00 35.41 -22.29
C SER H 41 -11.88 35.31 -20.75
N GLU H 42 -10.85 34.58 -20.30
CA GLU H 42 -10.58 34.43 -18.85
C GLU H 42 -10.01 35.74 -18.18
N TYR H 43 -9.33 36.53 -19.01
CA TYR H 43 -8.65 37.76 -18.58
C TYR H 43 -9.17 38.86 -19.48
N PRO H 44 -10.30 39.46 -19.15
CA PRO H 44 -10.94 40.48 -20.04
C PRO H 44 -10.11 41.66 -20.37
N ASN H 45 -9.11 42.01 -19.55
CA ASN H 45 -8.24 43.13 -19.94
C ASN H 45 -7.09 42.76 -20.81
N ALA H 46 -6.90 41.45 -21.05
CA ALA H 46 -5.72 41.01 -21.88
C ALA H 46 -5.84 41.49 -23.34
N THR H 47 -4.67 41.70 -23.89
CA THR H 47 -4.54 42.07 -25.29
C THR H 47 -3.50 41.25 -25.93
N ALA H 48 -3.47 41.28 -27.26
CA ALA H 48 -2.47 40.45 -27.99
C ALA H 48 -1.81 41.35 -29.03
N ARG H 49 -0.52 41.18 -29.13
CA ARG H 49 0.27 41.82 -30.14
C ARG H 49 0.72 40.73 -31.10
N ILE H 50 0.15 40.81 -32.31
CA ILE H 50 0.37 39.73 -33.33
C ILE H 50 1.36 40.20 -34.37
N GLU H 51 2.43 39.47 -34.59
CA GLU H 51 3.54 40.00 -35.43
C GLU H 51 3.84 38.92 -36.45
N GLY H 52 3.75 39.30 -37.71
CA GLY H 52 3.96 38.35 -38.82
C GLY H 52 5.30 38.56 -39.49
N HIS H 53 5.81 37.45 -40.06
CA HIS H 53 7.18 37.40 -40.62
C HIS H 53 7.23 36.54 -41.82
N THR H 54 8.37 36.71 -42.55
CA THR H 54 8.65 35.83 -43.66
C THR H 54 10.05 35.28 -43.57
N ASP H 55 10.32 34.24 -44.35
CA ASP H 55 11.71 34.00 -44.66
C ASP H 55 12.25 35.01 -45.64
N ASN H 56 13.56 35.02 -45.85
CA ASN H 56 14.11 36.11 -46.67
C ASN H 56 14.20 35.83 -48.17
N THR H 57 13.41 34.88 -48.69
CA THR H 57 13.36 34.57 -50.12
C THR H 57 12.24 35.34 -50.83
N GLY H 58 12.52 35.71 -52.08
CA GLY H 58 11.52 36.41 -52.87
C GLY H 58 11.60 37.93 -52.79
N PRO H 59 10.69 38.59 -53.45
CA PRO H 59 10.74 40.07 -53.59
C PRO H 59 10.35 40.77 -52.31
N ARG H 60 10.90 41.96 -52.11
CA ARG H 60 10.68 42.61 -50.83
C ARG H 60 9.17 43.00 -50.60
N LYS H 61 8.56 43.69 -51.53
CA LYS H 61 7.17 44.18 -51.27
C LYS H 61 6.22 43.04 -51.13
N LEU H 62 6.42 41.94 -51.87
CA LEU H 62 5.54 40.76 -51.71
C LEU H 62 5.63 40.32 -50.24
N ASN H 63 6.90 40.31 -49.75
CA ASN H 63 7.08 39.80 -48.43
C ASN H 63 6.66 40.72 -47.26
N GLU H 64 6.74 42.05 -47.47
CA GLU H 64 6.10 43.02 -46.58
C GLU H 64 4.64 42.67 -46.46
N ARG H 65 3.99 42.52 -47.62
CA ARG H 65 2.53 42.33 -47.61
C ARG H 65 2.20 40.96 -47.01
N LEU H 66 3.01 39.94 -47.30
CA LEU H 66 2.73 38.58 -46.81
C LEU H 66 2.94 38.53 -45.31
N SER H 67 3.95 39.24 -44.77
CA SER H 67 4.08 39.26 -43.32
C SER H 67 2.90 39.83 -42.59
N LEU H 68 2.31 40.91 -43.15
CA LEU H 68 1.18 41.54 -42.48
C LEU H 68 -0.01 40.66 -42.75
N ALA H 69 -0.18 40.04 -43.92
CA ALA H 69 -1.33 39.13 -44.18
C ALA H 69 -1.34 37.96 -43.21
N ARG H 70 -0.13 37.46 -42.89
CA ARG H 70 -0.05 36.32 -41.91
C ARG H 70 -0.58 36.79 -40.56
N ALA H 71 -0.09 37.97 -40.10
CA ALA H 71 -0.59 38.48 -38.78
C ALA H 71 -2.09 38.67 -38.85
N ASN H 72 -2.55 39.27 -39.97
CA ASN H 72 -4.00 39.52 -40.08
C ASN H 72 -4.83 38.25 -40.20
N SER H 73 -4.25 37.17 -40.76
CA SER H 73 -4.97 35.89 -40.79
C SER H 73 -5.17 35.33 -39.39
N VAL H 74 -4.15 35.47 -38.57
CA VAL H 74 -4.28 35.05 -37.15
C VAL H 74 -5.39 35.88 -36.47
N LYS H 75 -5.35 37.21 -36.64
CA LYS H 75 -6.36 38.00 -36.03
C LYS H 75 -7.78 37.58 -36.51
N SER H 76 -7.93 37.41 -37.82
CA SER H 76 -9.19 36.99 -38.43
C SER H 76 -9.69 35.69 -37.87
N ALA H 77 -8.81 34.77 -37.60
CA ALA H 77 -9.25 33.52 -37.05
C ALA H 77 -9.77 33.74 -35.60
N LEU H 78 -9.08 34.54 -34.83
CA LEU H 78 -9.55 34.79 -33.45
C LEU H 78 -10.89 35.50 -33.44
N VAL H 79 -11.06 36.50 -34.31
CA VAL H 79 -12.29 37.24 -34.35
C VAL H 79 -13.44 36.41 -34.99
N ASN H 80 -13.25 35.80 -36.15
CA ASN H 80 -14.37 35.19 -36.81
C ASN H 80 -14.68 33.79 -36.34
N GLU H 81 -13.66 33.07 -35.86
CA GLU H 81 -13.91 31.64 -35.47
C GLU H 81 -13.99 31.53 -33.96
N TYR H 82 -13.37 32.45 -33.21
CA TYR H 82 -13.36 32.32 -31.73
C TYR H 82 -14.04 33.45 -30.96
N ASN H 83 -14.70 34.34 -31.72
CA ASN H 83 -15.56 35.40 -31.17
C ASN H 83 -14.77 36.35 -30.28
N VAL H 84 -13.49 36.52 -30.61
CA VAL H 84 -12.70 37.50 -29.86
C VAL H 84 -12.90 38.91 -30.32
N ASP H 85 -12.92 39.85 -29.39
CA ASP H 85 -13.03 41.27 -29.74
C ASP H 85 -11.84 41.78 -30.50
N ALA H 86 -12.05 42.16 -31.77
CA ALA H 86 -10.96 42.62 -32.60
C ALA H 86 -10.13 43.76 -32.05
N SER H 87 -10.75 44.62 -31.25
CA SER H 87 -10.08 45.76 -30.67
C SER H 87 -9.02 45.39 -29.63
N ARG H 88 -8.97 44.10 -29.22
CA ARG H 88 -7.96 43.64 -28.29
C ARG H 88 -6.70 43.15 -29.01
N LEU H 89 -6.70 43.20 -30.35
CA LEU H 89 -5.64 42.49 -31.08
C LEU H 89 -4.98 43.43 -32.05
N SER H 90 -3.68 43.57 -31.93
CA SER H 90 -2.93 44.45 -32.94
C SER H 90 -2.26 43.52 -33.93
N THR H 91 -2.04 44.05 -35.15
CA THR H 91 -1.23 43.25 -36.10
C THR H 91 -0.14 44.11 -36.73
N GLN H 92 1.00 43.47 -37.06
CA GLN H 92 2.10 44.16 -37.72
C GLN H 92 2.88 43.16 -38.47
N GLY H 93 3.44 43.51 -39.65
CA GLY H 93 4.36 42.62 -40.41
C GLY H 93 5.74 43.18 -40.38
N PHE H 94 6.70 42.27 -40.41
CA PHE H 94 8.11 42.69 -40.37
C PHE H 94 8.90 42.10 -41.52
N ALA H 95 8.21 41.69 -42.58
CA ALA H 95 8.84 41.06 -43.71
C ALA H 95 9.90 40.01 -43.15
N TRP H 96 11.12 40.05 -43.69
CA TRP H 96 12.16 39.09 -43.29
C TRP H 96 13.16 39.77 -42.34
N ASP H 97 12.79 40.91 -41.77
CA ASP H 97 13.74 41.68 -41.00
C ASP H 97 14.08 41.16 -39.62
N GLN H 98 13.29 40.24 -39.10
CA GLN H 98 13.49 39.71 -37.73
C GLN H 98 13.54 38.19 -37.76
N PRO H 99 14.61 37.65 -38.36
CA PRO H 99 14.70 36.19 -38.42
C PRO H 99 14.91 35.60 -37.03
N ILE H 100 14.40 34.37 -36.85
CA ILE H 100 14.65 33.67 -35.59
C ILE H 100 15.55 32.49 -35.85
N ALA H 101 15.84 32.27 -37.10
CA ALA H 101 16.56 31.09 -37.56
C ALA H 101 17.26 31.40 -38.84
N ASP H 102 18.15 30.50 -39.17
CA ASP H 102 19.09 30.72 -40.24
C ASP H 102 18.40 30.51 -41.59
N ASN H 103 18.29 31.55 -42.44
CA ASN H 103 17.62 31.36 -43.75
C ASN H 103 18.38 30.48 -44.75
N LYS H 104 19.65 30.18 -44.42
CA LYS H 104 20.49 29.38 -45.38
C LYS H 104 20.06 27.91 -45.46
N THR H 105 19.26 27.48 -44.47
CA THR H 105 18.68 26.13 -44.46
C THR H 105 17.15 26.08 -44.58
N LYS H 106 16.67 25.02 -45.22
CA LYS H 106 15.27 24.81 -45.35
C LYS H 106 14.51 24.87 -43.98
N GLU H 107 15.06 24.26 -42.93
CA GLU H 107 14.40 24.22 -41.63
C GLU H 107 14.35 25.62 -41.02
N GLY H 108 15.43 26.38 -41.22
CA GLY H 108 15.54 27.79 -40.74
C GLY H 108 14.48 28.65 -41.41
N ARG H 109 14.38 28.48 -42.74
CA ARG H 109 13.36 29.28 -43.48
C ARG H 109 11.98 28.94 -42.92
N ALA H 110 11.70 27.65 -42.70
CA ALA H 110 10.39 27.26 -42.16
C ALA H 110 10.12 27.92 -40.83
N MET H 111 11.13 28.03 -39.97
CA MET H 111 11.02 28.65 -38.64
C MET H 111 10.67 30.12 -38.81
N ASN H 112 11.16 30.71 -39.88
CA ASN H 112 11.03 32.22 -40.07
C ASN H 112 9.68 32.56 -40.62
N ARG H 113 9.02 31.59 -41.27
CA ARG H 113 7.69 31.85 -41.87
C ARG H 113 6.69 31.69 -40.76
N ARG H 114 6.47 32.74 -39.96
CA ARG H 114 5.73 32.61 -38.70
C ARG H 114 4.92 33.85 -38.35
N VAL H 115 3.96 33.66 -37.46
CA VAL H 115 3.33 34.73 -36.69
C VAL H 115 3.69 34.41 -35.25
N PHE H 116 4.28 35.38 -34.52
CA PHE H 116 4.38 35.26 -33.06
C PHE H 116 3.41 36.23 -32.44
N ALA H 117 2.58 35.75 -31.48
CA ALA H 117 1.62 36.62 -30.79
C ALA H 117 1.97 36.63 -29.29
N THR H 118 2.05 37.83 -28.73
CA THR H 118 2.33 37.94 -27.28
C THR H 118 1.07 38.43 -26.65
N ILE H 119 0.57 37.67 -25.65
CA ILE H 119 -0.67 38.01 -25.01
C ILE H 119 -0.33 38.28 -23.53
N THR H 120 -0.82 39.40 -23.08
CA THR H 120 -0.59 39.81 -21.63
C THR H 120 -1.82 40.27 -21.04
N GLY H 121 -2.07 39.94 -19.76
CA GLY H 121 -3.24 40.50 -19.10
C GLY H 121 -3.11 40.22 -17.60
N SER H 122 -4.11 40.71 -16.84
CA SER H 122 -4.08 40.48 -15.38
C SER H 122 -5.49 40.51 -14.93
N ARG H 123 -5.75 39.84 -13.79
CA ARG H 123 -7.05 39.93 -13.18
C ARG H 123 -6.92 39.91 -11.66
N GLY I . 5.32 14.83 13.25
CA GLY I . 6.31 14.45 12.18
C GLY I . 6.56 12.93 12.10
O GLY I . 6.15 12.20 13.01
OXT GLY I . 7.27 12.47 11.14
N GLY J . -5.70 2.97 -50.06
CA GLY J . -6.11 1.81 -49.21
C GLY J . -5.89 2.12 -47.75
O GLY J . -5.03 2.96 -47.42
OXT GLY J . -6.55 1.49 -46.98
N GLY K . -6.32 -52.05 37.67
CA GLY K . -6.11 -52.79 36.38
C GLY K . -5.65 -51.82 35.26
O GLY K . -5.66 -50.61 35.46
OXT GLY K . -5.30 -52.26 34.19
N GLY L . 31.03 39.44 -0.56
CA GLY L . 30.09 39.27 0.56
C GLY L . 28.94 38.31 0.16
O GLY L . 28.82 37.96 -1.04
OXT GLY L . 28.23 37.94 1.08
N GLY M . 3.63 40.82 22.92
CA GLY M . 2.33 40.27 23.09
C GLY M . 1.64 40.03 21.73
O GLY M . 2.39 40.31 20.73
OXT GLY M . 0.53 39.56 21.72
N GLY N . -8.45 -66.76 5.54
CA GLY N . -8.25 -66.54 4.12
C GLY N . -8.38 -65.05 3.77
O GLY N . -8.76 -64.25 4.64
OXT GLY N . -8.14 -64.55 2.65
N GLY O . -21.29 -2.43 32.88
CA GLY O . -20.53 -1.57 31.95
C GLY O . -19.91 -2.38 30.79
O GLY O . -19.93 -3.62 30.80
OXT GLY O . -19.33 -1.71 29.92
N GLY P . 9.53 34.60 -48.39
CA GLY P . 8.57 33.44 -48.65
C GLY P . 7.77 33.20 -47.35
O GLY P . 8.06 33.69 -46.25
OXT GLY P . 6.81 32.45 -47.39
#